data_5W0N
#
_entry.id   5W0N
#
_cell.length_a   135.972
_cell.length_b   135.972
_cell.length_c   181.574
_cell.angle_alpha   90.000
_cell.angle_beta   90.000
_cell.angle_gamma   120.000
#
_symmetry.space_group_name_H-M   'P 61'
#
loop_
_entity.id
_entity.type
_entity.pdbx_description
1 polymer 'Terminal uridylyltransferase 7'
2 non-polymer 'MAGNESIUM ION'
3 non-polymer "5'-O-[(S)-hydroxy{[(S)-hydroxy(phosphonooxy)phosphoryl]amino}phosphoryl]uridine"
4 non-polymer '[(2R,3S,4R,5R)-5-(2,4-DIOXO-3,4-DIHYDROPYRIMIDIN-1(2H)-YL)-3,4-DIHYDROXYTETRAHYDROFURAN-2-YL]METHYL (2R,3S,4R,5R)-5-(2,4-DIOXO-3,4-DIHYDROPYRIMIDIN-1(2H)-YL)-4-HYDROXY-2-(HYDROXYMETHYL)TETRAHYDROFURAN-3-YL HYDROGEN (S)-PHOSPHATE'
5 non-polymer 'ZINC ION'
6 non-polymer 'IODIDE ION'
7 non-polymer 'SULFATE ION'
8 water water
#
_entity_poly.entity_id   1
_entity_poly.type   'polypeptide(L)'
_entity_poly.pdbx_seq_one_letter_code
;VVCSLCKREGHLKKDCPEDFKRIQLEPLPPLTPKFLNILDQVCIQCYKDFSPTIIEDQAREHIRQNLESFIRQDFPGTKL
SLFGSSKNGFGFKQSDLDVCMTINGLETAEGLDCVRTIEELARVLRKHSGLRNILPITTAKVPIVKFFHLRSGLEVDISL
YNTLALHNTRLLSAYSAIDPRVKYLCYTMKVFTKMCDIGDASRGSLSSYAYTLMVLYFLQQRNPPVIPVLQEIYKGEKKP
EIFVDGWNIYFFDQIDELPTYWSECGKNTESVGQLWLGLLRFYTEEFDFKEHVISIRRKSLLTTFKKQWTSKYIVIEDPF
DLNHNLGAGLSRKMTNFIMKAFINGRRVFGIPVKGFPKDYPSKMEYFFDPDVLTEGELAPNDRCCRICGKIGHFMKDCPM
RRK
;
_entity_poly.pdbx_strand_id   A,B,C
#
loop_
_chem_comp.id
_chem_comp.type
_chem_comp.name
_chem_comp.formula
2KH non-polymer 5'-O-[(S)-hydroxy{[(S)-hydroxy(phosphonooxy)phosphoryl]amino}phosphoryl]uridine 'C9 H16 N3 O14 P3'
IOD non-polymer 'IODIDE ION' 'I -1'
MG non-polymer 'MAGNESIUM ION' 'Mg 2'
SO4 non-polymer 'SULFATE ION' 'O4 S -2'
UPU non-polymer '[(2R,3S,4R,5R)-5-(2,4-DIOXO-3,4-DIHYDROPYRIMIDIN-1(2H)-YL)-3,4-DIHYDROXYTETRAHYDROFURAN-2-YL]METHYL (2R,3S,4R,5R)-5-(2,4-DIOXO-3,4-DIHYDROPYRIMIDIN-1(2H)-YL)-4-HYDROXY-2-(HYDROXYMETHYL)TETRAHYDROFURAN-3-YL HYDROGEN (S)-PHOSPHATE' 'C18 H23 N4 O14 P'
ZN non-polymer 'ZINC ION' 'Zn 2'
#
# COMPACT_ATOMS: atom_id res chain seq x y z
N ILE A 23 -27.20 -30.26 11.02
CA ILE A 23 -27.42 -29.23 10.03
C ILE A 23 -27.23 -29.81 8.63
N GLN A 24 -28.25 -29.67 7.79
CA GLN A 24 -28.19 -30.13 6.41
C GLN A 24 -27.82 -28.96 5.50
N LEU A 25 -27.18 -29.28 4.37
CA LEU A 25 -26.59 -28.26 3.51
C LEU A 25 -27.23 -28.29 2.12
N GLU A 26 -27.26 -27.11 1.51
CA GLU A 26 -27.80 -26.99 0.16
C GLU A 26 -26.98 -27.84 -0.81
N PRO A 27 -27.62 -28.54 -1.75
CA PRO A 27 -26.86 -29.20 -2.81
C PRO A 27 -26.22 -28.16 -3.72
N LEU A 28 -25.00 -28.46 -4.18
CA LEU A 28 -24.30 -27.48 -4.99
C LEU A 28 -24.62 -27.69 -6.47
N PRO A 29 -24.93 -26.63 -7.22
CA PRO A 29 -25.24 -26.80 -8.64
C PRO A 29 -23.98 -27.08 -9.44
N PRO A 30 -24.09 -27.75 -10.59
CA PRO A 30 -22.90 -27.99 -11.40
C PRO A 30 -22.30 -26.69 -11.93
N LEU A 31 -20.97 -26.65 -11.96
CA LEU A 31 -20.21 -25.49 -12.40
C LEU A 31 -19.87 -25.53 -13.89
N THR A 32 -19.66 -24.36 -14.46
CA THR A 32 -19.13 -24.20 -15.81
C THR A 32 -17.63 -23.94 -15.76
N PRO A 33 -16.90 -24.27 -16.83
CA PRO A 33 -15.46 -23.91 -16.86
C PRO A 33 -15.23 -22.42 -16.68
N LYS A 34 -16.12 -21.58 -17.21
CA LYS A 34 -15.95 -20.13 -17.04
C LYS A 34 -15.98 -19.75 -15.57
N PHE A 35 -16.86 -20.38 -14.79
CA PHE A 35 -16.92 -20.06 -13.37
C PHE A 35 -15.73 -20.66 -12.62
N LEU A 36 -15.30 -21.86 -13.03
CA LEU A 36 -14.13 -22.47 -12.41
C LEU A 36 -12.88 -21.62 -12.62
N ASN A 37 -12.77 -20.96 -13.78
CA ASN A 37 -11.63 -20.09 -14.01
C ASN A 37 -11.70 -18.85 -13.12
N ILE A 38 -12.90 -18.37 -12.82
CA ILE A 38 -13.05 -17.25 -11.90
C ILE A 38 -12.58 -17.63 -10.51
N LEU A 39 -12.96 -18.81 -10.03
CA LEU A 39 -12.50 -19.26 -8.72
C LEU A 39 -10.99 -19.36 -8.67
N ASP A 40 -10.38 -19.87 -9.74
CA ASP A 40 -8.91 -19.94 -9.81
C ASP A 40 -8.31 -18.55 -9.68
N GLN A 41 -8.86 -17.57 -10.39
CA GLN A 41 -8.30 -16.22 -10.39
C GLN A 41 -8.41 -15.57 -9.01
N VAL A 42 -9.53 -15.80 -8.32
CA VAL A 42 -9.70 -15.20 -7.00
C VAL A 42 -8.66 -15.73 -6.03
N CYS A 43 -8.41 -17.04 -6.04
CA CYS A 43 -7.40 -17.61 -5.15
C CYS A 43 -6.02 -17.04 -5.46
N ILE A 44 -5.70 -16.87 -6.74
CA ILE A 44 -4.40 -16.35 -7.11
C ILE A 44 -4.29 -14.87 -6.78
N GLN A 45 -5.39 -14.12 -6.90
CA GLN A 45 -5.34 -12.70 -6.55
C GLN A 45 -5.12 -12.50 -5.04
N CYS A 46 -5.63 -13.42 -4.22
CA CYS A 46 -5.37 -13.34 -2.79
C CYS A 46 -3.87 -13.35 -2.51
N TYR A 47 -3.10 -14.12 -3.28
CA TYR A 47 -1.65 -14.14 -3.13
C TYR A 47 -1.02 -12.88 -3.71
N LYS A 48 -1.35 -12.54 -4.94
CA LYS A 48 -0.72 -11.40 -5.59
C LYS A 48 -1.07 -10.09 -4.89
N ASP A 49 -2.31 -9.96 -4.41
CA ASP A 49 -2.75 -8.69 -3.85
C ASP A 49 -2.14 -8.41 -2.48
N PHE A 50 -1.89 -9.44 -1.69
CA PHE A 50 -1.61 -9.26 -0.27
C PHE A 50 -0.24 -9.77 0.16
N SER A 51 0.50 -10.43 -0.70
CA SER A 51 1.85 -10.82 -0.33
C SER A 51 2.78 -9.60 -0.41
N PRO A 52 3.82 -9.56 0.41
CA PRO A 52 4.72 -8.39 0.39
C PRO A 52 5.55 -8.34 -0.88
N THR A 53 5.91 -7.12 -1.27
CA THR A 53 6.90 -6.96 -2.32
C THR A 53 8.27 -7.41 -1.80
N ILE A 54 9.20 -7.61 -2.73
CA ILE A 54 10.55 -7.98 -2.32
C ILE A 54 11.16 -6.88 -1.46
N ILE A 55 10.79 -5.62 -1.69
CA ILE A 55 11.29 -4.52 -0.89
C ILE A 55 10.71 -4.57 0.52
N GLU A 56 9.42 -4.92 0.65
CA GLU A 56 8.82 -5.02 1.97
C GLU A 56 9.42 -6.17 2.78
N ASP A 57 9.77 -7.28 2.12
CA ASP A 57 10.44 -8.36 2.84
C ASP A 57 11.81 -7.94 3.34
N GLN A 58 12.59 -7.27 2.49
CA GLN A 58 13.91 -6.81 2.92
C GLN A 58 13.80 -5.86 4.11
N ALA A 59 12.78 -5.01 4.12
CA ALA A 59 12.59 -4.10 5.24
C ALA A 59 12.40 -4.86 6.54
N ARG A 60 11.71 -6.00 6.49
CA ARG A 60 11.52 -6.81 7.70
C ARG A 60 12.85 -7.31 8.22
N GLU A 61 13.73 -7.76 7.34
CA GLU A 61 15.06 -8.18 7.76
C GLU A 61 15.86 -7.02 8.32
N HIS A 62 15.72 -5.82 7.74
CA HIS A 62 16.42 -4.66 8.26
C HIS A 62 15.96 -4.31 9.67
N ILE A 63 14.66 -4.48 9.95
CA ILE A 63 14.15 -4.23 11.29
C ILE A 63 14.78 -5.19 12.29
N ARG A 64 14.74 -6.49 11.99
CA ARG A 64 15.40 -7.48 12.85
C ARG A 64 16.85 -7.07 13.10
N GLN A 65 17.56 -6.67 12.04
CA GLN A 65 18.96 -6.30 12.17
C GLN A 65 19.13 -5.09 13.08
N ASN A 66 18.27 -4.09 12.93
CA ASN A 66 18.35 -2.89 13.75
C ASN A 66 18.06 -3.20 15.21
N LEU A 67 17.00 -3.96 15.48
CA LEU A 67 16.65 -4.28 16.86
C LEU A 67 17.75 -5.08 17.54
N GLU A 68 18.38 -6.00 16.80
CA GLU A 68 19.45 -6.81 17.38
C GLU A 68 20.62 -5.95 17.82
N SER A 69 21.02 -4.99 16.98
CA SER A 69 22.12 -4.09 17.36
C SER A 69 21.74 -3.21 18.53
N PHE A 70 20.51 -2.68 18.53
CA PHE A 70 20.08 -1.81 19.62
C PHE A 70 20.06 -2.58 20.94
N ILE A 71 19.46 -3.77 20.94
CA ILE A 71 19.39 -4.56 22.16
C ILE A 71 20.78 -5.00 22.60
N ARG A 72 21.70 -5.19 21.65
CA ARG A 72 23.04 -5.61 22.00
C ARG A 72 23.81 -4.55 22.77
N GLN A 73 23.38 -3.28 22.69
CA GLN A 73 24.03 -2.24 23.48
C GLN A 73 23.93 -2.54 24.97
N ASP A 74 22.83 -3.13 25.40
CA ASP A 74 22.65 -3.49 26.80
C ASP A 74 22.86 -4.97 27.07
N PHE A 75 22.55 -5.82 26.10
CA PHE A 75 22.66 -7.27 26.25
C PHE A 75 23.50 -7.84 25.13
N PRO A 76 24.82 -7.70 25.20
CA PRO A 76 25.67 -8.25 24.13
C PRO A 76 25.47 -9.76 24.01
N GLY A 77 25.61 -10.25 22.79
CA GLY A 77 25.34 -11.64 22.51
C GLY A 77 23.88 -11.97 22.27
N THR A 78 23.01 -10.98 22.32
CA THR A 78 21.62 -11.20 21.93
C THR A 78 21.57 -11.61 20.47
N LYS A 79 20.72 -12.59 20.17
CA LYS A 79 20.46 -12.97 18.79
C LYS A 79 18.95 -12.91 18.54
N LEU A 80 18.57 -12.20 17.48
CA LEU A 80 17.18 -12.13 17.06
C LEU A 80 17.01 -12.95 15.79
N SER A 81 15.95 -13.75 15.75
CA SER A 81 15.64 -14.59 14.60
C SER A 81 14.17 -14.39 14.24
N LEU A 82 13.90 -14.16 12.96
CA LEU A 82 12.53 -14.05 12.48
C LEU A 82 11.91 -15.44 12.37
N PHE A 83 10.62 -15.52 12.68
CA PHE A 83 9.84 -16.72 12.41
C PHE A 83 8.43 -16.27 12.04
N GLY A 84 7.50 -17.22 11.99
CA GLY A 84 6.15 -16.88 11.59
C GLY A 84 6.04 -16.61 10.10
N SER A 85 5.00 -15.84 9.75
CA SER A 85 4.67 -15.66 8.34
C SER A 85 5.68 -14.80 7.59
N SER A 86 6.58 -14.10 8.29
CA SER A 86 7.68 -13.43 7.61
C SER A 86 8.64 -14.43 6.97
N LYS A 87 8.62 -15.69 7.42
CA LYS A 87 9.58 -16.69 6.96
C LYS A 87 8.95 -18.01 6.52
N ASN A 88 7.68 -18.27 6.80
CA ASN A 88 7.07 -19.53 6.44
C ASN A 88 6.44 -19.51 5.05
N GLY A 89 6.52 -18.39 4.33
CA GLY A 89 6.03 -18.30 2.98
C GLY A 89 4.58 -17.87 2.84
N PHE A 90 3.94 -17.42 3.92
CA PHE A 90 2.51 -17.08 3.88
C PHE A 90 2.23 -15.72 4.50
N GLY A 91 3.18 -14.78 4.40
CA GLY A 91 3.00 -13.49 5.03
C GLY A 91 2.18 -12.52 4.21
N PHE A 92 1.44 -11.66 4.91
CA PHE A 92 0.76 -10.52 4.32
C PHE A 92 1.58 -9.26 4.50
N LYS A 93 1.28 -8.26 3.67
CA LYS A 93 1.98 -6.98 3.74
C LYS A 93 1.99 -6.41 5.14
N GLN A 94 0.86 -6.50 5.84
CA GLN A 94 0.72 -5.90 7.16
C GLN A 94 0.75 -6.93 8.29
N SER A 95 1.25 -8.13 8.02
CA SER A 95 1.42 -9.10 9.10
C SER A 95 2.45 -8.59 10.11
N ASP A 96 2.30 -9.04 11.36
CA ASP A 96 3.23 -8.65 12.40
C ASP A 96 4.60 -9.27 12.13
N LEU A 97 5.60 -8.80 12.88
CA LEU A 97 6.97 -9.27 12.76
C LEU A 97 7.26 -10.14 13.99
N ASP A 98 7.31 -11.45 13.79
CA ASP A 98 7.53 -12.38 14.88
C ASP A 98 9.02 -12.64 15.06
N VAL A 99 9.53 -12.34 16.25
CA VAL A 99 10.96 -12.34 16.52
C VAL A 99 11.25 -13.24 17.71
N CYS A 100 12.26 -14.09 17.57
CA CYS A 100 12.72 -14.97 18.64
C CYS A 100 14.07 -14.48 19.14
N MET A 101 14.15 -14.23 20.44
CA MET A 101 15.39 -13.75 21.06
C MET A 101 16.08 -14.90 21.78
N THR A 102 17.39 -15.03 21.54
CA THR A 102 18.25 -15.96 22.26
C THR A 102 19.53 -15.25 22.67
N ILE A 103 20.35 -15.97 23.44
CA ILE A 103 21.62 -15.46 23.96
C ILE A 103 22.71 -16.45 23.57
N ASN A 104 23.69 -15.98 22.80
CA ASN A 104 24.76 -16.86 22.33
C ASN A 104 25.46 -17.54 23.50
N GLY A 105 25.80 -18.81 23.29
CA GLY A 105 26.42 -19.63 24.30
C GLY A 105 25.42 -20.33 25.21
N LEU A 106 24.17 -19.89 25.24
CA LEU A 106 23.14 -20.42 26.11
C LEU A 106 22.16 -21.21 25.24
N GLU A 107 22.28 -22.54 25.28
CA GLU A 107 21.57 -23.36 24.30
C GLU A 107 20.06 -23.35 24.54
N THR A 108 19.64 -23.37 25.80
CA THR A 108 18.22 -23.39 26.14
C THR A 108 17.92 -22.32 27.18
N ALA A 109 16.64 -22.11 27.43
CA ALA A 109 16.18 -21.18 28.45
C ALA A 109 16.03 -21.84 29.81
N GLU A 110 16.96 -22.72 30.18
CA GLU A 110 16.82 -23.49 31.40
C GLU A 110 17.52 -22.80 32.57
N GLY A 111 18.47 -21.92 32.31
CA GLY A 111 19.04 -21.07 33.33
C GLY A 111 18.55 -19.64 33.19
N LEU A 112 17.83 -19.35 32.11
CA LEU A 112 17.36 -17.99 31.85
C LEU A 112 16.03 -17.75 32.54
N ASP A 113 15.96 -16.66 33.32
CA ASP A 113 14.71 -16.21 33.94
C ASP A 113 13.89 -15.48 32.89
N CYS A 114 12.93 -16.18 32.28
CA CYS A 114 12.25 -15.62 31.10
C CYS A 114 11.33 -14.47 31.45
N VAL A 115 10.57 -14.58 32.54
CA VAL A 115 9.65 -13.50 32.89
C VAL A 115 10.41 -12.23 33.24
N ARG A 116 11.46 -12.34 34.05
CA ARG A 116 12.25 -11.18 34.42
C ARG A 116 13.01 -10.65 33.20
N THR A 117 13.44 -11.55 32.30
CA THR A 117 14.10 -11.11 31.07
C THR A 117 13.16 -10.29 30.20
N ILE A 118 11.89 -10.70 30.11
CA ILE A 118 10.92 -9.95 29.31
C ILE A 118 10.81 -8.52 29.83
N GLU A 119 10.77 -8.35 31.15
CA GLU A 119 10.63 -7.02 31.73
C GLU A 119 11.90 -6.20 31.54
N GLU A 120 13.07 -6.83 31.64
CA GLU A 120 14.31 -6.14 31.33
C GLU A 120 14.34 -5.71 29.88
N LEU A 121 13.91 -6.60 28.98
CA LEU A 121 13.90 -6.28 27.55
C LEU A 121 12.98 -5.10 27.26
N ALA A 122 11.79 -5.08 27.88
CA ALA A 122 10.87 -3.99 27.66
C ALA A 122 11.47 -2.64 28.05
N ARG A 123 12.19 -2.60 29.18
CA ARG A 123 12.83 -1.35 29.58
C ARG A 123 13.84 -0.89 28.55
N VAL A 124 14.60 -1.82 27.96
CA VAL A 124 15.57 -1.46 26.93
C VAL A 124 14.84 -0.86 25.73
N LEU A 125 13.76 -1.51 25.30
CA LEU A 125 13.06 -1.09 24.09
C LEU A 125 12.37 0.26 24.25
N ARG A 126 12.09 0.69 25.49
CA ARG A 126 11.48 2.00 25.70
C ARG A 126 12.45 3.13 25.36
N LYS A 127 13.75 2.85 25.26
CA LYS A 127 14.74 3.85 24.88
C LYS A 127 14.92 4.00 23.37
N HIS A 128 14.23 3.20 22.56
CA HIS A 128 14.38 3.23 21.12
C HIS A 128 13.41 4.26 20.52
N SER A 129 13.96 5.31 19.92
CA SER A 129 13.15 6.42 19.44
C SER A 129 12.25 6.07 18.27
N GLY A 130 12.50 4.95 17.60
CA GLY A 130 11.69 4.52 16.48
C GLY A 130 10.56 3.58 16.83
N LEU A 131 10.32 3.33 18.12
CA LEU A 131 9.29 2.40 18.56
C LEU A 131 8.28 3.15 19.41
N ARG A 132 7.10 2.55 19.55
CA ARG A 132 6.02 3.14 20.34
C ARG A 132 5.24 2.03 21.02
N ASN A 133 4.65 2.36 22.18
CA ASN A 133 3.70 1.48 22.85
C ASN A 133 4.34 0.14 23.18
N ILE A 134 5.44 0.19 23.94
CA ILE A 134 6.06 -1.04 24.44
C ILE A 134 5.13 -1.69 25.44
N LEU A 135 4.80 -2.96 25.21
CA LEU A 135 3.86 -3.65 26.08
C LEU A 135 4.31 -5.08 26.35
N PRO A 136 4.80 -5.39 27.57
CA PRO A 136 5.10 -6.79 27.89
C PRO A 136 3.86 -7.54 28.32
N ILE A 137 3.70 -8.74 27.78
CA ILE A 137 2.57 -9.61 28.10
C ILE A 137 3.17 -10.89 28.67
N THR A 138 3.37 -10.90 29.99
CA THR A 138 4.05 -11.99 30.69
C THR A 138 3.13 -13.11 31.12
N THR A 139 1.81 -12.90 31.10
CA THR A 139 0.86 -13.91 31.57
C THR A 139 0.41 -14.86 30.47
N ALA A 140 0.75 -14.60 29.22
CA ALA A 140 0.36 -15.48 28.12
C ALA A 140 1.16 -16.78 28.16
N LYS A 141 0.59 -17.82 27.53
CA LYS A 141 1.31 -19.08 27.40
C LYS A 141 2.71 -18.85 26.85
N VAL A 142 2.81 -18.04 25.82
CA VAL A 142 4.10 -17.60 25.28
C VAL A 142 4.29 -16.13 25.67
N PRO A 143 5.02 -15.82 26.74
CA PRO A 143 5.22 -14.42 27.09
C PRO A 143 5.95 -13.67 25.99
N ILE A 144 5.49 -12.46 25.71
CA ILE A 144 6.07 -11.62 24.66
C ILE A 144 6.20 -10.19 25.17
N VAL A 145 7.01 -9.42 24.45
CA VAL A 145 6.95 -7.97 24.50
C VAL A 145 6.66 -7.50 23.09
N LYS A 146 5.52 -6.82 22.92
CA LYS A 146 5.13 -6.33 21.60
C LYS A 146 5.22 -4.81 21.57
N PHE A 147 5.33 -4.27 20.36
CA PHE A 147 5.45 -2.83 20.20
C PHE A 147 5.18 -2.47 18.74
N PHE A 148 5.10 -1.17 18.49
CA PHE A 148 4.77 -0.62 17.19
C PHE A 148 6.02 0.03 16.59
N HIS A 149 6.36 -0.36 15.37
CA HIS A 149 7.53 0.18 14.66
C HIS A 149 7.06 1.34 13.79
N LEU A 150 7.53 2.55 14.09
CA LEU A 150 6.97 3.75 13.47
C LEU A 150 7.15 3.76 11.96
N ARG A 151 8.41 3.62 11.50
CA ARG A 151 8.68 3.87 10.09
C ARG A 151 8.04 2.83 9.19
N SER A 152 7.93 1.58 9.64
CA SER A 152 7.29 0.54 8.84
C SER A 152 5.82 0.39 9.14
N GLY A 153 5.35 0.89 10.28
CA GLY A 153 3.97 0.69 10.68
C GLY A 153 3.61 -0.71 11.07
N LEU A 154 4.59 -1.57 11.34
CA LEU A 154 4.35 -2.97 11.66
C LEU A 154 4.37 -3.20 13.16
N GLU A 155 3.57 -4.17 13.59
CA GLU A 155 3.62 -4.64 14.96
C GLU A 155 4.70 -5.71 15.09
N VAL A 156 5.48 -5.64 16.16
CA VAL A 156 6.58 -6.56 16.41
C VAL A 156 6.29 -7.29 17.71
N ASP A 157 6.55 -8.61 17.72
CA ASP A 157 6.34 -9.45 18.88
C ASP A 157 7.61 -10.25 19.14
N ILE A 158 8.27 -10.01 20.27
CA ILE A 158 9.50 -10.70 20.63
C ILE A 158 9.19 -11.72 21.71
N SER A 159 9.63 -12.96 21.49
CA SER A 159 9.51 -14.04 22.47
C SER A 159 10.89 -14.61 22.75
N LEU A 160 11.00 -15.36 23.85
CA LEU A 160 12.28 -15.86 24.33
C LEU A 160 12.38 -17.36 24.08
N TYR A 161 13.47 -17.78 23.42
CA TYR A 161 13.76 -19.19 23.20
C TYR A 161 12.53 -19.93 22.71
N ASN A 162 11.88 -19.36 21.71
CA ASN A 162 10.73 -19.98 21.07
C ASN A 162 11.22 -20.95 19.99
N THR A 163 11.93 -21.98 20.45
CA THR A 163 12.67 -22.85 19.55
C THR A 163 11.74 -23.63 18.62
N LEU A 164 10.65 -24.18 19.17
CA LEU A 164 9.75 -24.97 18.34
C LEU A 164 9.08 -24.12 17.27
N ALA A 165 8.81 -22.84 17.57
CA ALA A 165 8.21 -21.97 16.56
C ALA A 165 9.13 -21.81 15.36
N LEU A 166 10.44 -21.74 15.61
CA LEU A 166 11.40 -21.65 14.51
C LEU A 166 11.33 -22.88 13.62
N HIS A 167 11.07 -24.06 14.20
CA HIS A 167 11.08 -25.28 13.41
C HIS A 167 9.78 -25.46 12.62
N ASN A 168 8.63 -25.14 13.21
CA ASN A 168 7.40 -25.22 12.43
C ASN A 168 7.34 -24.13 11.38
N THR A 169 8.08 -23.03 11.56
CA THR A 169 8.25 -22.06 10.49
C THR A 169 8.98 -22.70 9.31
N ARG A 170 10.09 -23.38 9.58
CA ARG A 170 10.79 -24.10 8.53
C ARG A 170 9.89 -25.17 7.90
N LEU A 171 9.11 -25.88 8.71
CA LEU A 171 8.22 -26.91 8.18
C LEU A 171 7.23 -26.31 7.19
N LEU A 172 6.54 -25.25 7.60
CA LEU A 172 5.56 -24.63 6.72
C LEU A 172 6.22 -24.06 5.47
N SER A 173 7.42 -23.51 5.62
CA SER A 173 8.14 -23.00 4.45
C SER A 173 8.44 -24.11 3.44
N ALA A 174 8.84 -25.28 3.93
CA ALA A 174 9.07 -26.41 3.04
C ALA A 174 7.80 -26.79 2.28
N TYR A 175 6.67 -26.84 2.97
CA TYR A 175 5.41 -27.16 2.31
C TYR A 175 5.07 -26.12 1.25
N SER A 176 5.31 -24.84 1.55
CA SER A 176 4.98 -23.77 0.61
C SER A 176 5.79 -23.88 -0.67
N ALA A 177 6.94 -24.56 -0.64
CA ALA A 177 7.80 -24.69 -1.79
C ALA A 177 7.50 -25.92 -2.64
N ILE A 178 6.69 -26.86 -2.14
CA ILE A 178 6.41 -28.08 -2.88
C ILE A 178 5.60 -27.76 -4.13
N ASP A 179 4.61 -26.89 -4.01
CA ASP A 179 3.66 -26.66 -5.09
C ASP A 179 3.08 -25.25 -4.95
N PRO A 180 2.98 -24.47 -6.03
CA PRO A 180 2.40 -23.12 -5.90
C PRO A 180 1.00 -23.11 -5.32
N ARG A 181 0.24 -24.19 -5.49
CA ARG A 181 -1.13 -24.23 -4.99
C ARG A 181 -1.16 -24.17 -3.46
N VAL A 182 -0.10 -24.62 -2.79
CA VAL A 182 -0.05 -24.52 -1.34
C VAL A 182 -0.13 -23.06 -0.91
N LYS A 183 0.67 -22.20 -1.55
CA LYS A 183 0.66 -20.78 -1.23
C LYS A 183 -0.69 -20.15 -1.53
N TYR A 184 -1.22 -20.39 -2.74
CA TYR A 184 -2.48 -19.77 -3.13
C TYR A 184 -3.59 -20.09 -2.14
N LEU A 185 -3.67 -21.34 -1.69
CA LEU A 185 -4.75 -21.74 -0.79
C LEU A 185 -4.56 -21.15 0.61
N CYS A 186 -3.32 -21.17 1.11
CA CYS A 186 -3.06 -20.60 2.42
C CYS A 186 -3.35 -19.11 2.44
N TYR A 187 -3.01 -18.40 1.35
CA TYR A 187 -3.36 -16.99 1.27
C TYR A 187 -4.87 -16.80 1.20
N THR A 188 -5.56 -17.62 0.40
CA THR A 188 -7.01 -17.53 0.32
C THR A 188 -7.65 -17.83 1.67
N MET A 189 -7.16 -18.86 2.37
CA MET A 189 -7.68 -19.15 3.70
C MET A 189 -7.44 -17.98 4.65
N LYS A 190 -6.26 -17.35 4.58
CA LYS A 190 -5.95 -16.24 5.46
C LYS A 190 -6.86 -15.05 5.18
N VAL A 191 -7.12 -14.76 3.90
CA VAL A 191 -8.08 -13.71 3.57
C VAL A 191 -9.46 -14.06 4.10
N PHE A 192 -9.90 -15.29 3.87
CA PHE A 192 -11.25 -15.70 4.27
C PHE A 192 -11.46 -15.51 5.76
N THR A 193 -10.57 -16.08 6.58
CA THR A 193 -10.78 -16.02 8.03
C THR A 193 -10.59 -14.60 8.55
N LYS A 194 -9.69 -13.82 7.93
CA LYS A 194 -9.53 -12.43 8.32
C LYS A 194 -10.79 -11.63 8.01
N MET A 195 -11.40 -11.85 6.85
CA MET A 195 -12.61 -11.14 6.50
C MET A 195 -13.78 -11.55 7.39
N CYS A 196 -13.78 -12.79 7.88
CA CYS A 196 -14.80 -13.23 8.83
C CYS A 196 -14.47 -12.85 10.26
N ASP A 197 -13.26 -12.33 10.50
CA ASP A 197 -12.86 -11.88 11.83
C ASP A 197 -12.82 -13.05 12.83
N ILE A 198 -12.23 -14.17 12.39
CA ILE A 198 -12.14 -15.37 13.21
C ILE A 198 -10.70 -15.85 13.27
N GLY A 199 -9.75 -14.97 12.99
CA GLY A 199 -8.35 -15.34 12.95
C GLY A 199 -7.49 -14.60 13.95
N ASP A 200 -8.01 -14.38 15.16
CA ASP A 200 -7.29 -13.67 16.21
C ASP A 200 -7.45 -14.44 17.53
N ALA A 201 -6.44 -15.23 17.87
CA ALA A 201 -6.51 -16.01 19.11
C ALA A 201 -6.57 -15.11 20.34
N SER A 202 -6.02 -13.89 20.26
CA SER A 202 -6.08 -12.97 21.38
C SER A 202 -7.48 -12.42 21.61
N ARG A 203 -8.40 -12.62 20.69
CA ARG A 203 -9.79 -12.23 20.87
C ARG A 203 -10.73 -13.42 20.96
N GLY A 204 -10.20 -14.64 21.11
CA GLY A 204 -11.00 -15.82 21.36
C GLY A 204 -11.19 -16.74 20.16
N SER A 205 -10.77 -16.33 18.97
CA SER A 205 -10.89 -17.16 17.79
C SER A 205 -9.58 -17.95 17.61
N LEU A 206 -9.29 -18.39 16.39
CA LEU A 206 -8.13 -19.22 16.12
C LEU A 206 -6.96 -18.42 15.56
N SER A 207 -5.75 -18.88 15.86
CA SER A 207 -4.56 -18.30 15.27
C SER A 207 -4.54 -18.59 13.78
N SER A 208 -4.01 -17.64 13.01
CA SER A 208 -3.87 -17.86 11.57
C SER A 208 -2.95 -19.05 11.29
N TYR A 209 -2.01 -19.33 12.20
CA TYR A 209 -1.19 -20.53 12.10
C TYR A 209 -2.04 -21.78 12.20
N ALA A 210 -3.12 -21.75 12.99
CA ALA A 210 -4.02 -22.88 13.07
C ALA A 210 -4.74 -23.10 11.75
N TYR A 211 -5.16 -22.01 11.09
CA TYR A 211 -5.82 -22.16 9.79
C TYR A 211 -4.85 -22.65 8.72
N THR A 212 -3.58 -22.24 8.80
CA THR A 212 -2.59 -22.79 7.87
C THR A 212 -2.50 -24.30 8.02
N LEU A 213 -2.51 -24.81 9.26
CA LEU A 213 -2.46 -26.25 9.47
C LEU A 213 -3.68 -26.94 8.86
N MET A 214 -4.85 -26.29 8.93
CA MET A 214 -6.05 -26.87 8.34
C MET A 214 -5.92 -26.99 6.83
N VAL A 215 -5.29 -26.02 6.18
CA VAL A 215 -5.07 -26.10 4.74
C VAL A 215 -4.14 -27.26 4.42
N LEU A 216 -3.01 -27.34 5.12
CA LEU A 216 -2.04 -28.40 4.86
C LEU A 216 -2.66 -29.77 5.11
N TYR A 217 -3.43 -29.92 6.20
CA TYR A 217 -4.07 -31.20 6.48
C TYR A 217 -5.04 -31.59 5.37
N PHE A 218 -5.82 -30.63 4.87
CA PHE A 218 -6.71 -30.93 3.75
C PHE A 218 -5.92 -31.40 2.53
N LEU A 219 -4.81 -30.73 2.23
CA LEU A 219 -4.02 -31.10 1.05
C LEU A 219 -3.31 -32.43 1.24
N GLN A 220 -3.02 -32.82 2.48
CA GLN A 220 -2.42 -34.13 2.72
C GLN A 220 -3.46 -35.25 2.57
N GLN A 221 -4.68 -35.01 3.02
CA GLN A 221 -5.73 -36.02 2.97
C GLN A 221 -6.45 -36.07 1.63
N ARG A 222 -6.22 -35.09 0.76
CA ARG A 222 -6.88 -35.09 -0.54
C ARG A 222 -6.53 -36.36 -1.31
N ASN A 223 -7.46 -36.82 -2.14
CA ASN A 223 -7.22 -37.99 -2.98
C ASN A 223 -7.25 -37.60 -4.46
N PRO A 224 -6.08 -37.61 -5.13
CA PRO A 224 -4.74 -37.87 -4.61
C PRO A 224 -4.19 -36.68 -3.82
N PRO A 225 -3.20 -36.93 -2.95
CA PRO A 225 -2.68 -35.85 -2.12
C PRO A 225 -1.92 -34.81 -2.94
N VAL A 226 -2.06 -33.54 -2.54
CA VAL A 226 -1.30 -32.47 -3.17
C VAL A 226 0.08 -32.32 -2.53
N ILE A 227 0.20 -32.66 -1.24
CA ILE A 227 1.48 -32.62 -0.54
C ILE A 227 1.62 -33.89 0.28
N PRO A 228 2.86 -34.28 0.59
CA PRO A 228 3.06 -35.44 1.45
C PRO A 228 3.06 -35.06 2.92
N VAL A 229 3.39 -36.02 3.78
CA VAL A 229 3.64 -35.76 5.19
C VAL A 229 5.16 -35.77 5.36
N LEU A 230 5.76 -34.58 5.36
CA LEU A 230 7.22 -34.48 5.38
C LEU A 230 7.81 -35.12 6.63
N GLN A 231 7.08 -35.10 7.75
CA GLN A 231 7.58 -35.72 8.97
C GLN A 231 7.59 -37.23 8.89
N GLU A 232 7.05 -37.82 7.83
CA GLU A 232 7.05 -39.27 7.63
C GLU A 232 7.87 -39.68 6.41
N ILE A 233 8.62 -38.76 5.82
CA ILE A 233 9.51 -39.06 4.71
C ILE A 233 10.93 -39.03 5.24
N TYR A 234 11.70 -40.08 4.94
CA TYR A 234 13.06 -40.20 5.41
C TYR A 234 13.71 -41.38 4.70
N LYS A 235 15.04 -41.38 4.68
CA LYS A 235 15.76 -42.56 4.23
C LYS A 235 15.63 -43.62 5.31
N GLY A 236 15.07 -44.77 4.94
CA GLY A 236 14.69 -45.79 5.90
C GLY A 236 15.77 -46.23 6.87
N GLU A 237 15.42 -47.06 7.85
CA GLU A 237 14.07 -47.61 8.01
C GLU A 237 13.25 -46.76 9.00
N LYS A 238 13.89 -46.29 10.06
CA LYS A 238 13.20 -45.58 11.12
C LYS A 238 13.33 -44.07 10.95
N LYS A 239 12.38 -43.36 11.54
CA LYS A 239 12.39 -41.91 11.54
C LYS A 239 13.55 -41.38 12.39
N PRO A 240 14.36 -40.46 11.87
CA PRO A 240 15.41 -39.86 12.71
C PRO A 240 14.81 -39.16 13.92
N GLU A 241 15.56 -39.17 15.02
CA GLU A 241 15.11 -38.58 16.28
C GLU A 241 16.00 -37.37 16.59
N ILE A 242 15.47 -36.18 16.33
CA ILE A 242 16.13 -34.92 16.65
C ILE A 242 15.21 -34.19 17.63
N PHE A 243 15.61 -34.12 18.88
CA PHE A 243 14.75 -33.64 19.95
C PHE A 243 15.04 -32.18 20.29
N VAL A 244 13.97 -31.41 20.48
CA VAL A 244 14.04 -30.03 20.93
C VAL A 244 12.95 -29.82 21.97
N ASP A 245 13.34 -29.44 23.18
CA ASP A 245 12.39 -29.25 24.28
C ASP A 245 11.49 -30.47 24.45
N GLY A 246 12.04 -31.65 24.21
CA GLY A 246 11.33 -32.89 24.46
C GLY A 246 10.53 -33.44 23.29
N TRP A 247 10.62 -32.82 22.12
CA TRP A 247 9.81 -33.22 20.97
C TRP A 247 10.71 -33.45 19.76
N ASN A 248 10.35 -34.46 18.96
CA ASN A 248 11.07 -34.76 17.72
C ASN A 248 10.65 -33.76 16.65
N ILE A 249 11.62 -32.97 16.17
CA ILE A 249 11.35 -31.93 15.20
C ILE A 249 11.83 -32.31 13.79
N TYR A 250 12.15 -33.59 13.57
CA TYR A 250 12.62 -33.98 12.26
C TYR A 250 11.52 -33.83 11.22
N PHE A 251 11.91 -33.45 10.00
CA PHE A 251 11.03 -33.55 8.85
C PHE A 251 11.89 -33.46 7.59
N PHE A 252 11.37 -34.03 6.51
CA PHE A 252 12.08 -34.02 5.24
C PHE A 252 12.02 -32.63 4.61
N ASP A 253 13.18 -32.02 4.39
CA ASP A 253 13.25 -30.65 3.88
C ASP A 253 14.04 -30.55 2.58
N GLN A 254 14.43 -31.67 1.98
CA GLN A 254 15.10 -31.67 0.68
C GLN A 254 14.05 -31.77 -0.43
N ILE A 255 13.34 -30.65 -0.62
CA ILE A 255 12.20 -30.65 -1.53
C ILE A 255 12.64 -30.90 -2.97
N ASP A 256 13.84 -30.45 -3.34
CA ASP A 256 14.30 -30.67 -4.71
C ASP A 256 14.41 -32.15 -5.04
N GLU A 257 14.64 -32.99 -4.03
CA GLU A 257 14.70 -34.43 -4.20
C GLU A 257 13.38 -35.11 -3.86
N LEU A 258 12.31 -34.35 -3.69
CA LEU A 258 11.05 -34.93 -3.25
C LEU A 258 10.50 -35.96 -4.24
N PRO A 259 10.58 -35.77 -5.55
CA PRO A 259 10.08 -36.81 -6.46
C PRO A 259 10.69 -38.17 -6.21
N THR A 260 11.92 -38.22 -5.70
CA THR A 260 12.57 -39.50 -5.42
C THR A 260 11.93 -40.19 -4.21
N TYR A 261 11.59 -39.42 -3.19
CA TYR A 261 11.11 -39.97 -1.93
C TYR A 261 9.60 -39.87 -1.76
N TRP A 262 8.90 -39.26 -2.70
CA TRP A 262 7.44 -39.18 -2.68
C TRP A 262 6.94 -39.77 -4.00
N SER A 263 6.36 -40.97 -3.93
CA SER A 263 5.92 -41.65 -5.14
C SER A 263 4.76 -40.91 -5.80
N GLU A 264 3.84 -40.37 -5.02
CA GLU A 264 2.66 -39.71 -5.55
C GLU A 264 2.92 -38.26 -5.94
N CYS A 265 4.15 -37.89 -6.25
CA CYS A 265 4.47 -36.50 -6.54
C CYS A 265 3.82 -36.08 -7.85
N GLY A 266 3.08 -34.98 -7.81
CA GLY A 266 2.52 -34.41 -9.03
C GLY A 266 1.35 -35.17 -9.62
N LYS A 267 0.71 -36.05 -8.84
CA LYS A 267 -0.42 -36.81 -9.36
C LYS A 267 -1.72 -36.02 -9.28
N ASN A 268 -1.82 -35.08 -8.34
CA ASN A 268 -3.02 -34.27 -8.22
C ASN A 268 -2.92 -33.08 -9.17
N THR A 269 -3.91 -32.96 -10.06
CA THR A 269 -3.91 -31.92 -11.09
C THR A 269 -5.11 -30.98 -10.95
N GLU A 270 -5.73 -30.93 -9.77
CA GLU A 270 -6.83 -30.00 -9.55
C GLU A 270 -6.32 -28.56 -9.57
N SER A 271 -7.14 -27.67 -10.11
CA SER A 271 -6.83 -26.25 -10.08
C SER A 271 -6.99 -25.70 -8.67
N VAL A 272 -6.54 -24.47 -8.46
CA VAL A 272 -6.59 -23.85 -7.14
C VAL A 272 -8.04 -23.66 -6.70
N GLY A 273 -8.88 -23.14 -7.60
CA GLY A 273 -10.27 -22.90 -7.25
C GLY A 273 -11.01 -24.19 -6.93
N GLN A 274 -10.75 -25.24 -7.72
CA GLN A 274 -11.29 -26.55 -7.41
C GLN A 274 -10.92 -26.98 -6.00
N LEU A 275 -9.67 -26.76 -5.61
CA LEU A 275 -9.21 -27.18 -4.29
C LEU A 275 -9.76 -26.29 -3.18
N TRP A 276 -9.94 -25.00 -3.46
CA TRP A 276 -10.48 -24.10 -2.45
C TRP A 276 -11.91 -24.45 -2.13
N LEU A 277 -12.74 -24.66 -3.16
CA LEU A 277 -14.10 -25.12 -2.92
C LEU A 277 -14.09 -26.51 -2.28
N GLY A 278 -13.14 -27.35 -2.65
CA GLY A 278 -13.03 -28.65 -2.03
C GLY A 278 -12.73 -28.56 -0.54
N LEU A 279 -11.90 -27.59 -0.15
CA LEU A 279 -11.60 -27.40 1.27
C LEU A 279 -12.85 -26.98 2.04
N LEU A 280 -13.58 -26.01 1.51
CA LEU A 280 -14.81 -25.57 2.16
C LEU A 280 -15.80 -26.71 2.30
N ARG A 281 -15.93 -27.54 1.26
CA ARG A 281 -16.82 -28.69 1.36
C ARG A 281 -16.25 -29.73 2.31
N PHE A 282 -14.93 -29.90 2.31
CA PHE A 282 -14.30 -30.91 3.16
C PHE A 282 -14.62 -30.67 4.63
N TYR A 283 -14.43 -29.43 5.10
CA TYR A 283 -14.63 -29.14 6.51
C TYR A 283 -16.08 -28.85 6.87
N THR A 284 -17.00 -28.86 5.91
CA THR A 284 -18.42 -28.72 6.21
C THR A 284 -19.21 -30.00 5.96
N GLU A 285 -18.79 -30.83 5.01
CA GLU A 285 -19.50 -32.04 4.64
C GLU A 285 -18.78 -33.31 5.09
N GLU A 286 -17.46 -33.36 4.94
CA GLU A 286 -16.72 -34.62 5.01
C GLU A 286 -16.03 -34.83 6.35
N PHE A 287 -15.27 -33.85 6.83
CA PHE A 287 -14.44 -34.05 8.01
C PHE A 287 -15.31 -34.21 9.26
N ASP A 288 -15.01 -35.22 10.07
CA ASP A 288 -15.73 -35.50 11.30
C ASP A 288 -14.96 -34.87 12.46
N PHE A 289 -15.37 -33.68 12.88
CA PHE A 289 -14.65 -32.95 13.92
C PHE A 289 -14.72 -33.68 15.26
N LYS A 290 -15.88 -34.26 15.59
CA LYS A 290 -16.02 -34.91 16.88
C LYS A 290 -15.26 -36.24 16.95
N GLU A 291 -14.77 -36.75 15.83
CA GLU A 291 -14.12 -38.06 15.79
C GLU A 291 -12.62 -37.99 15.54
N HIS A 292 -12.14 -37.00 14.80
CA HIS A 292 -10.78 -36.98 14.30
C HIS A 292 -10.09 -35.67 14.64
N VAL A 293 -8.77 -35.72 14.73
CA VAL A 293 -7.93 -34.57 15.05
C VAL A 293 -7.22 -34.12 13.79
N ILE A 294 -7.22 -32.81 13.55
CA ILE A 294 -6.49 -32.23 12.44
C ILE A 294 -5.00 -32.28 12.78
N SER A 295 -4.26 -33.15 12.10
CA SER A 295 -2.88 -33.46 12.46
C SER A 295 -2.06 -33.65 11.18
N ILE A 296 -1.10 -32.76 10.94
CA ILE A 296 -0.30 -32.81 9.72
C ILE A 296 0.97 -33.62 9.86
N ARG A 297 1.25 -34.15 11.06
CA ARG A 297 2.48 -34.93 11.26
C ARG A 297 2.35 -36.37 10.79
N ARG A 298 1.14 -36.84 10.53
CA ARG A 298 0.93 -38.23 10.14
C ARG A 298 -0.24 -38.29 9.17
N LYS A 299 -0.11 -39.15 8.15
CA LYS A 299 -1.19 -39.32 7.20
C LYS A 299 -2.31 -40.18 7.77
N SER A 300 -1.98 -41.12 8.66
CA SER A 300 -3.00 -41.93 9.29
C SER A 300 -3.88 -41.07 10.20
N LEU A 301 -5.19 -41.29 10.10
CA LEU A 301 -6.13 -40.50 10.87
C LEU A 301 -5.84 -40.60 12.36
N LEU A 302 -5.97 -39.47 13.04
CA LEU A 302 -5.78 -39.39 14.48
C LEU A 302 -7.13 -39.12 15.14
N THR A 303 -7.50 -39.95 16.10
CA THR A 303 -8.80 -39.85 16.73
C THR A 303 -8.74 -38.95 17.96
N THR A 304 -9.85 -38.23 18.20
CA THR A 304 -9.96 -37.43 19.41
C THR A 304 -9.94 -38.31 20.66
N PHE A 305 -10.48 -39.53 20.56
CA PHE A 305 -10.49 -40.43 21.69
C PHE A 305 -9.08 -40.88 22.05
N LYS A 306 -8.28 -41.23 21.04
CA LYS A 306 -6.89 -41.60 21.29
C LYS A 306 -6.14 -40.46 21.97
N LYS A 307 -6.43 -39.22 21.58
CA LYS A 307 -5.82 -38.05 22.18
C LYS A 307 -6.47 -37.61 23.48
N GLN A 308 -7.62 -38.16 23.85
CA GLN A 308 -8.36 -37.70 25.02
C GLN A 308 -8.63 -36.20 24.92
N TRP A 309 -8.97 -35.75 23.72
CA TRP A 309 -9.28 -34.34 23.44
C TRP A 309 -10.73 -34.19 22.99
N THR A 310 -11.67 -34.71 23.76
CA THR A 310 -13.07 -34.69 23.41
C THR A 310 -13.81 -33.45 23.92
N SER A 311 -13.12 -32.56 24.66
CA SER A 311 -13.79 -31.39 25.20
C SER A 311 -14.31 -30.47 24.10
N LYS A 312 -13.50 -30.26 23.06
CA LYS A 312 -13.80 -29.28 22.03
C LYS A 312 -14.23 -29.97 20.74
N TYR A 313 -14.82 -29.18 19.84
CA TYR A 313 -15.24 -29.66 18.53
C TYR A 313 -14.11 -29.56 17.52
N ILE A 314 -13.55 -28.37 17.36
CA ILE A 314 -12.41 -28.18 16.47
C ILE A 314 -11.14 -28.50 17.25
N VAL A 315 -10.43 -29.53 16.81
CA VAL A 315 -9.26 -30.05 17.50
C VAL A 315 -8.10 -30.06 16.52
N ILE A 316 -7.08 -29.27 16.80
CA ILE A 316 -5.94 -29.11 15.91
C ILE A 316 -4.67 -29.37 16.70
N GLU A 317 -3.91 -30.38 16.28
CA GLU A 317 -2.68 -30.75 16.96
C GLU A 317 -1.50 -30.07 16.30
N ASP A 318 -0.61 -29.52 17.12
CA ASP A 318 0.62 -28.94 16.58
C ASP A 318 1.51 -30.04 16.01
N PRO A 319 2.18 -29.80 14.89
CA PRO A 319 3.02 -30.86 14.31
C PRO A 319 4.17 -31.31 15.20
N PHE A 320 4.64 -30.47 16.11
CA PHE A 320 5.75 -30.81 16.99
C PHE A 320 5.35 -30.93 18.45
N ASP A 321 4.72 -29.91 19.01
CA ASP A 321 4.26 -29.94 20.40
C ASP A 321 2.95 -30.71 20.45
N LEU A 322 3.04 -32.03 20.62
CA LEU A 322 1.87 -32.88 20.52
C LEU A 322 0.90 -32.72 21.69
N ASN A 323 1.28 -31.99 22.73
CA ASN A 323 0.37 -31.69 23.83
C ASN A 323 -0.42 -30.41 23.60
N HIS A 324 -0.21 -29.72 22.48
CA HIS A 324 -0.83 -28.43 22.22
C HIS A 324 -2.00 -28.62 21.26
N ASN A 325 -3.21 -28.36 21.75
CA ASN A 325 -4.40 -28.33 20.91
C ASN A 325 -4.71 -26.88 20.58
N LEU A 326 -4.46 -26.50 19.31
CA LEU A 326 -4.66 -25.11 18.90
C LEU A 326 -6.10 -24.64 19.08
N GLY A 327 -7.07 -25.55 19.17
CA GLY A 327 -8.45 -25.16 19.32
C GLY A 327 -8.94 -25.26 20.74
N ALA A 328 -8.01 -25.35 21.68
CA ALA A 328 -8.37 -25.56 23.08
C ALA A 328 -9.02 -24.34 23.71
N GLY A 329 -8.91 -23.17 23.08
CA GLY A 329 -9.48 -21.96 23.65
C GLY A 329 -10.87 -21.60 23.14
N LEU A 330 -11.33 -22.26 22.08
CA LEU A 330 -12.59 -21.87 21.46
C LEU A 330 -13.76 -22.18 22.38
N SER A 331 -14.63 -21.19 22.56
CA SER A 331 -15.90 -21.41 23.25
C SER A 331 -16.90 -22.05 22.30
N ARG A 332 -18.05 -22.43 22.86
CA ARG A 332 -19.11 -23.00 22.03
C ARG A 332 -19.61 -21.97 21.02
N LYS A 333 -19.88 -20.74 21.48
CA LYS A 333 -20.37 -19.71 20.58
C LYS A 333 -19.40 -19.47 19.43
N MET A 334 -18.10 -19.33 19.74
CA MET A 334 -17.12 -19.07 18.69
C MET A 334 -17.05 -20.24 17.71
N THR A 335 -17.20 -21.46 18.19
CA THR A 335 -17.18 -22.61 17.30
C THR A 335 -18.36 -22.57 16.34
N ASN A 336 -19.55 -22.23 16.84
CA ASN A 336 -20.70 -22.08 15.96
C ASN A 336 -20.48 -20.96 14.95
N PHE A 337 -19.95 -19.81 15.40
CA PHE A 337 -19.72 -18.70 14.49
C PHE A 337 -18.75 -19.08 13.38
N ILE A 338 -17.68 -19.80 13.74
CA ILE A 338 -16.69 -20.22 12.75
C ILE A 338 -17.33 -21.16 11.75
N MET A 339 -18.07 -22.16 12.23
CA MET A 339 -18.67 -23.14 11.33
C MET A 339 -19.69 -22.49 10.39
N LYS A 340 -20.46 -21.51 10.89
CA LYS A 340 -21.40 -20.81 10.04
C LYS A 340 -20.67 -20.04 8.95
N ALA A 341 -19.50 -19.46 9.28
CA ALA A 341 -18.71 -18.78 8.26
C ALA A 341 -18.31 -19.73 7.15
N PHE A 342 -17.82 -20.92 7.51
CA PHE A 342 -17.42 -21.88 6.50
C PHE A 342 -18.62 -22.37 5.68
N ILE A 343 -19.77 -22.57 6.32
CA ILE A 343 -20.97 -22.97 5.59
C ILE A 343 -21.35 -21.88 4.60
N ASN A 344 -21.37 -20.62 5.05
CA ASN A 344 -21.69 -19.52 4.15
C ASN A 344 -20.65 -19.39 3.05
N GLY A 345 -19.37 -19.62 3.38
CA GLY A 345 -18.35 -19.64 2.35
C GLY A 345 -18.59 -20.71 1.31
N ARG A 346 -19.01 -21.90 1.76
CA ARG A 346 -19.37 -22.97 0.83
C ARG A 346 -20.45 -22.51 -0.13
N ARG A 347 -21.42 -21.74 0.37
CA ARG A 347 -22.52 -21.28 -0.48
C ARG A 347 -22.04 -20.22 -1.47
N VAL A 348 -21.23 -19.26 -1.02
CA VAL A 348 -20.82 -18.16 -1.88
C VAL A 348 -19.87 -18.64 -2.97
N PHE A 349 -18.92 -19.50 -2.63
CA PHE A 349 -17.96 -19.98 -3.61
C PHE A 349 -18.48 -21.15 -4.43
N GLY A 350 -19.57 -21.80 -4.02
CA GLY A 350 -20.02 -22.98 -4.72
C GLY A 350 -21.27 -22.77 -5.56
N ILE A 351 -22.03 -21.72 -5.28
CA ILE A 351 -23.30 -21.46 -5.94
C ILE A 351 -23.20 -20.18 -6.75
N PRO A 352 -23.02 -20.27 -8.07
CA PRO A 352 -23.02 -19.07 -8.90
C PRO A 352 -24.36 -18.35 -8.79
N VAL A 353 -24.32 -17.02 -8.85
CA VAL A 353 -25.50 -16.19 -8.70
C VAL A 353 -25.79 -15.42 -9.98
N LYS A 354 -27.08 -15.13 -10.18
CA LYS A 354 -27.51 -14.32 -11.32
C LYS A 354 -26.85 -12.95 -11.27
N GLY A 355 -26.59 -12.40 -12.45
CA GLY A 355 -25.93 -11.11 -12.57
C GLY A 355 -24.43 -11.17 -12.34
N PHE A 356 -23.88 -12.33 -12.00
CA PHE A 356 -22.45 -12.47 -11.79
C PHE A 356 -21.78 -13.00 -13.06
N PRO A 357 -20.59 -12.47 -13.41
CA PRO A 357 -19.79 -11.44 -12.75
C PRO A 357 -19.97 -10.04 -13.33
N LYS A 358 -20.89 -9.87 -14.28
CA LYS A 358 -20.97 -8.63 -15.04
C LYS A 358 -21.57 -7.48 -14.25
N ASP A 359 -22.28 -7.74 -13.15
CA ASP A 359 -22.84 -6.68 -12.32
C ASP A 359 -21.92 -6.29 -11.17
N TYR A 360 -20.73 -6.85 -11.08
CA TYR A 360 -19.83 -6.63 -9.95
C TYR A 360 -18.47 -6.18 -10.46
N PRO A 361 -18.10 -4.90 -10.27
CA PRO A 361 -16.78 -4.45 -10.75
C PRO A 361 -15.61 -4.97 -9.94
N SER A 362 -15.85 -5.74 -8.88
CA SER A 362 -14.77 -6.37 -8.12
C SER A 362 -15.25 -7.73 -7.65
N LYS A 363 -14.61 -8.79 -8.14
CA LYS A 363 -14.93 -10.15 -7.71
C LYS A 363 -14.48 -10.40 -6.28
N MET A 364 -13.38 -9.78 -5.86
CA MET A 364 -12.91 -9.94 -4.48
C MET A 364 -13.97 -9.49 -3.48
N GLU A 365 -14.63 -8.36 -3.77
CA GLU A 365 -15.65 -7.85 -2.85
C GLU A 365 -16.89 -8.73 -2.84
N TYR A 366 -17.17 -9.45 -3.93
CA TYR A 366 -18.35 -10.31 -3.95
C TYR A 366 -18.13 -11.56 -3.11
N PHE A 367 -17.01 -12.24 -3.31
CA PHE A 367 -16.81 -13.53 -2.67
C PHE A 367 -16.47 -13.41 -1.19
N PHE A 368 -15.82 -12.32 -0.79
CA PHE A 368 -15.39 -12.13 0.59
C PHE A 368 -16.20 -11.04 1.29
N ASP A 369 -17.48 -10.96 0.97
CA ASP A 369 -18.35 -9.96 1.58
C ASP A 369 -18.67 -10.38 3.01
N PRO A 370 -18.26 -9.62 4.03
CA PRO A 370 -18.53 -10.06 5.41
C PRO A 370 -20.01 -10.13 5.74
N ASP A 371 -20.83 -9.22 5.19
CA ASP A 371 -22.25 -9.25 5.46
C ASP A 371 -22.90 -10.54 4.98
N VAL A 372 -22.32 -11.22 4.00
CA VAL A 372 -22.84 -12.50 3.55
C VAL A 372 -22.22 -13.65 4.33
N LEU A 373 -20.89 -13.63 4.51
CA LEU A 373 -20.21 -14.76 5.13
C LEU A 373 -20.56 -14.90 6.60
N THR A 374 -20.81 -13.79 7.29
CA THR A 374 -21.18 -13.82 8.70
C THR A 374 -22.60 -13.29 8.93
N GLU A 375 -23.34 -13.00 7.86
CA GLU A 375 -24.73 -12.57 7.98
C GLU A 375 -24.85 -11.30 8.83
N GLY A 376 -23.88 -10.39 8.68
CA GLY A 376 -23.89 -9.13 9.38
C GLY A 376 -23.57 -9.21 10.86
N GLU A 377 -23.42 -10.41 11.42
CA GLU A 377 -23.10 -10.55 12.84
C GLU A 377 -21.61 -10.34 13.08
N LEU A 378 -21.29 -9.85 14.26
CA LEU A 378 -19.90 -9.73 14.70
C LEU A 378 -19.48 -10.98 15.46
N ALA A 379 -18.17 -11.24 15.44
CA ALA A 379 -17.67 -12.40 16.15
C ALA A 379 -17.95 -12.26 17.65
N PRO A 380 -18.32 -13.34 18.34
CA PRO A 380 -18.55 -13.23 19.78
C PRO A 380 -17.27 -12.84 20.50
N ASN A 381 -17.44 -12.16 21.65
CA ASN A 381 -16.31 -11.63 22.40
C ASN A 381 -16.56 -11.70 23.90
N ASP A 382 -17.27 -12.72 24.37
CA ASP A 382 -17.64 -12.78 25.78
C ASP A 382 -16.43 -13.03 26.68
N ARG A 383 -15.45 -13.81 26.21
CA ARG A 383 -14.22 -14.02 26.97
C ARG A 383 -13.34 -12.77 27.02
N CYS A 384 -13.67 -11.74 26.26
CA CYS A 384 -12.76 -10.63 26.05
C CYS A 384 -13.01 -9.50 27.04
N CYS A 385 -11.92 -8.79 27.37
CA CYS A 385 -12.02 -7.58 28.17
C CYS A 385 -12.91 -6.56 27.49
N ARG A 386 -13.76 -5.88 28.28
CA ARG A 386 -14.69 -4.91 27.72
C ARG A 386 -14.01 -3.59 27.35
N ILE A 387 -12.75 -3.40 27.70
CA ILE A 387 -12.05 -2.17 27.39
C ILE A 387 -11.31 -2.27 26.06
N CYS A 388 -10.51 -3.32 25.88
CA CYS A 388 -9.68 -3.47 24.69
C CYS A 388 -10.14 -4.60 23.77
N GLY A 389 -10.88 -5.57 24.27
CA GLY A 389 -11.33 -6.68 23.46
C GLY A 389 -10.39 -7.86 23.41
N LYS A 390 -9.38 -7.90 24.26
CA LYS A 390 -8.43 -9.00 24.33
C LYS A 390 -8.77 -9.91 25.50
N ILE A 391 -8.32 -11.16 25.41
CA ILE A 391 -8.52 -12.13 26.47
C ILE A 391 -7.27 -12.17 27.34
N GLY A 392 -7.43 -12.73 28.55
CA GLY A 392 -6.30 -13.05 29.39
C GLY A 392 -5.91 -12.03 30.44
N HIS A 393 -6.79 -11.11 30.81
CA HIS A 393 -6.46 -10.15 31.85
C HIS A 393 -7.73 -9.54 32.42
N PHE A 394 -7.67 -9.18 33.70
CA PHE A 394 -8.76 -8.47 34.34
C PHE A 394 -8.66 -6.97 34.05
N MET A 395 -9.76 -6.26 34.27
CA MET A 395 -9.85 -4.87 33.83
C MET A 395 -8.82 -3.98 34.52
N LYS A 396 -8.42 -4.32 35.74
CA LYS A 396 -7.39 -3.53 36.42
C LYS A 396 -6.04 -3.65 35.74
N ASP A 397 -5.84 -4.66 34.90
CA ASP A 397 -4.57 -4.90 34.22
C ASP A 397 -4.62 -4.52 32.74
N CYS A 398 -5.71 -3.87 32.30
CA CYS A 398 -5.86 -3.56 30.89
C CYS A 398 -4.93 -2.40 30.50
N PRO A 399 -4.23 -2.50 29.36
CA PRO A 399 -3.43 -1.34 28.93
C PRO A 399 -4.27 -0.13 28.54
N MET A 400 -5.40 -0.34 27.89
CA MET A 400 -6.25 0.75 27.43
C MET A 400 -7.09 1.36 28.55
N ARG A 401 -6.81 1.05 29.81
CA ARG A 401 -7.51 1.66 30.93
C ARG A 401 -7.00 3.08 31.18
N LEU B 25 34.18 -15.31 -17.14
CA LEU B 25 32.77 -15.46 -16.80
C LEU B 25 32.12 -16.62 -17.53
N GLU B 26 31.09 -17.19 -16.90
CA GLU B 26 30.37 -18.28 -17.53
C GLU B 26 29.76 -17.81 -18.85
N PRO B 27 29.83 -18.61 -19.92
CA PRO B 27 29.12 -18.25 -21.14
C PRO B 27 27.61 -18.37 -20.95
N LEU B 28 26.89 -17.43 -21.53
CA LEU B 28 25.43 -17.44 -21.41
C LEU B 28 24.82 -18.19 -22.58
N PRO B 29 23.85 -19.07 -22.35
CA PRO B 29 23.18 -19.71 -23.48
C PRO B 29 22.26 -18.71 -24.18
N PRO B 30 21.91 -18.96 -25.44
CA PRO B 30 21.07 -18.01 -26.17
C PRO B 30 19.72 -17.84 -25.51
N LEU B 31 19.14 -16.65 -25.68
CA LEU B 31 17.83 -16.38 -25.10
C LEU B 31 16.75 -16.98 -25.98
N THR B 32 15.72 -17.39 -25.36
CA THR B 32 14.54 -17.85 -26.05
C THR B 32 13.50 -16.73 -26.10
N PRO B 33 12.62 -16.71 -27.09
CA PRO B 33 11.52 -15.74 -27.04
C PRO B 33 10.71 -15.91 -25.77
N LYS B 34 10.75 -17.12 -25.22
CA LYS B 34 9.97 -17.48 -24.04
C LYS B 34 10.59 -16.88 -22.78
N PHE B 35 11.86 -17.17 -22.51
CA PHE B 35 12.52 -16.62 -21.34
C PHE B 35 12.66 -15.10 -21.46
N LEU B 36 12.90 -14.61 -22.67
CA LEU B 36 13.01 -13.16 -22.86
C LEU B 36 11.73 -12.46 -22.42
N ASN B 37 10.57 -13.06 -22.72
CA ASN B 37 9.31 -12.46 -22.29
C ASN B 37 9.21 -12.37 -20.77
N ILE B 38 9.78 -13.34 -20.06
CA ILE B 38 9.79 -13.28 -18.60
C ILE B 38 10.65 -12.09 -18.14
N LEU B 39 11.81 -11.89 -18.78
CA LEU B 39 12.65 -10.75 -18.41
C LEU B 39 11.92 -9.43 -18.62
N ASP B 40 11.19 -9.29 -19.73
CA ASP B 40 10.42 -8.09 -19.96
C ASP B 40 9.41 -7.85 -18.83
N GLN B 41 8.72 -8.92 -18.40
CA GLN B 41 7.71 -8.77 -17.36
C GLN B 41 8.32 -8.35 -16.03
N VAL B 42 9.49 -8.90 -15.69
CA VAL B 42 10.13 -8.55 -14.42
C VAL B 42 10.49 -7.07 -14.40
N CYS B 43 11.09 -6.57 -15.48
CA CYS B 43 11.47 -5.17 -15.55
C CYS B 43 10.25 -4.27 -15.42
N ILE B 44 9.15 -4.65 -16.07
CA ILE B 44 7.93 -3.85 -16.01
C ILE B 44 7.30 -3.94 -14.63
N GLN B 45 7.38 -5.13 -14.01
CA GLN B 45 6.91 -5.26 -12.63
C GLN B 45 7.60 -4.26 -11.72
N CYS B 46 8.91 -4.08 -11.88
CA CYS B 46 9.63 -3.13 -11.04
C CYS B 46 8.99 -1.76 -11.09
N TYR B 47 8.48 -1.35 -12.25
CA TYR B 47 7.82 -0.07 -12.37
C TYR B 47 6.42 -0.10 -11.75
N LYS B 48 5.63 -1.11 -12.11
CA LYS B 48 4.24 -1.16 -11.64
C LYS B 48 4.18 -1.32 -10.12
N ASP B 49 5.10 -2.08 -9.54
CA ASP B 49 5.05 -2.33 -8.11
C ASP B 49 5.47 -1.10 -7.29
N PHE B 50 6.38 -0.28 -7.81
CA PHE B 50 7.02 0.74 -6.98
C PHE B 50 6.81 2.17 -7.46
N SER B 51 6.24 2.41 -8.64
CA SER B 51 6.03 3.80 -9.03
C SER B 51 4.83 4.40 -8.30
N PRO B 52 4.86 5.69 -7.98
CA PRO B 52 3.73 6.30 -7.26
C PRO B 52 2.52 6.52 -8.17
N THR B 53 1.35 6.47 -7.55
CA THR B 53 0.13 6.93 -8.21
C THR B 53 0.14 8.46 -8.31
N ILE B 54 -0.78 8.99 -9.12
CA ILE B 54 -0.91 10.44 -9.21
C ILE B 54 -1.32 11.03 -7.87
N ILE B 55 -2.10 10.28 -7.08
CA ILE B 55 -2.50 10.76 -5.76
C ILE B 55 -1.31 10.80 -4.82
N GLU B 56 -0.44 9.79 -4.91
CA GLU B 56 0.77 9.77 -4.09
C GLU B 56 1.73 10.88 -4.49
N ASP B 57 1.80 11.22 -5.78
CA ASP B 57 2.61 12.36 -6.21
C ASP B 57 2.06 13.67 -5.67
N GLN B 58 0.74 13.86 -5.76
CA GLN B 58 0.15 15.10 -5.25
C GLN B 58 0.42 15.25 -3.76
N ALA B 59 0.42 14.15 -3.02
CA ALA B 59 0.71 14.21 -1.59
C ALA B 59 2.09 14.79 -1.34
N ARG B 60 3.07 14.43 -2.18
CA ARG B 60 4.42 14.98 -2.03
C ARG B 60 4.43 16.48 -2.29
N GLU B 61 3.67 16.94 -3.29
CA GLU B 61 3.58 18.37 -3.55
C GLU B 61 2.91 19.09 -2.38
N HIS B 62 1.92 18.46 -1.76
CA HIS B 62 1.26 19.06 -0.60
C HIS B 62 2.23 19.19 0.57
N ILE B 63 3.09 18.20 0.78
CA ILE B 63 4.08 18.29 1.84
C ILE B 63 4.98 19.49 1.62
N ARG B 64 5.55 19.61 0.42
CA ARG B 64 6.35 20.78 0.08
C ARG B 64 5.58 22.06 0.39
N GLN B 65 4.30 22.08 0.01
CA GLN B 65 3.49 23.27 0.19
C GLN B 65 3.32 23.59 1.68
N ASN B 66 3.12 22.55 2.50
CA ASN B 66 2.96 22.77 3.94
C ASN B 66 4.26 23.22 4.59
N LEU B 67 5.37 22.55 4.25
CA LEU B 67 6.66 22.92 4.82
C LEU B 67 7.04 24.34 4.44
N GLU B 68 6.74 24.74 3.20
CA GLU B 68 7.08 26.09 2.76
C GLU B 68 6.32 27.14 3.58
N SER B 69 5.03 26.92 3.83
CA SER B 69 4.26 27.84 4.65
C SER B 69 4.78 27.88 6.08
N PHE B 70 5.08 26.70 6.64
CA PHE B 70 5.55 26.65 8.02
C PHE B 70 6.89 27.35 8.16
N ILE B 71 7.83 27.06 7.26
CA ILE B 71 9.16 27.66 7.36
C ILE B 71 9.10 29.16 7.11
N ARG B 72 8.12 29.63 6.34
CA ARG B 72 8.02 31.07 6.07
C ARG B 72 7.71 31.87 7.31
N GLN B 73 7.17 31.23 8.36
CA GLN B 73 6.90 31.94 9.60
C GLN B 73 8.18 32.49 10.22
N ASP B 74 9.28 31.75 10.10
CA ASP B 74 10.57 32.17 10.65
C ASP B 74 11.55 32.67 9.59
N PHE B 75 11.43 32.20 8.35
CA PHE B 75 12.26 32.64 7.22
C PHE B 75 11.34 33.15 6.13
N PRO B 76 10.80 34.35 6.27
CA PRO B 76 9.90 34.87 5.23
C PRO B 76 10.60 34.93 3.88
N GLY B 77 9.85 34.65 2.82
CA GLY B 77 10.43 34.58 1.50
C GLY B 77 11.07 33.24 1.17
N THR B 78 11.01 32.26 2.06
CA THR B 78 11.51 30.94 1.75
C THR B 78 10.79 30.37 0.55
N LYS B 79 11.55 29.76 -0.35
CA LYS B 79 10.99 29.00 -1.46
C LYS B 79 11.51 27.57 -1.37
N LEU B 80 10.59 26.61 -1.38
CA LEU B 80 10.95 25.19 -1.39
C LEU B 80 10.63 24.61 -2.76
N SER B 81 11.56 23.84 -3.29
CA SER B 81 11.40 23.18 -4.59
C SER B 81 11.77 21.72 -4.45
N LEU B 82 10.91 20.84 -4.96
CA LEU B 82 11.21 19.42 -4.98
C LEU B 82 12.20 19.10 -6.09
N PHE B 83 13.10 18.17 -5.81
CA PHE B 83 14.00 17.64 -6.82
C PHE B 83 14.22 16.16 -6.51
N GLY B 84 15.20 15.56 -7.20
CA GLY B 84 15.44 14.15 -6.99
C GLY B 84 14.35 13.29 -7.62
N SER B 85 14.22 12.08 -7.10
CA SER B 85 13.35 11.09 -7.74
C SER B 85 11.87 11.45 -7.63
N SER B 86 11.50 12.41 -6.77
CA SER B 86 10.13 12.91 -6.79
C SER B 86 9.79 13.64 -8.08
N LYS B 87 10.79 14.09 -8.84
CA LYS B 87 10.57 14.89 -10.03
C LYS B 87 11.33 14.43 -11.27
N ASN B 88 12.31 13.54 -11.14
CA ASN B 88 13.09 13.11 -12.30
C ASN B 88 12.48 11.91 -13.01
N GLY B 89 11.33 11.43 -12.55
CA GLY B 89 10.63 10.35 -13.23
C GLY B 89 10.99 8.95 -12.80
N PHE B 90 11.78 8.80 -11.74
CA PHE B 90 12.27 7.49 -11.31
C PHE B 90 12.01 7.28 -9.81
N GLY B 91 10.96 7.89 -9.28
CA GLY B 91 10.70 7.78 -7.86
C GLY B 91 9.94 6.52 -7.50
N PHE B 92 10.23 6.03 -6.29
CA PHE B 92 9.47 4.94 -5.68
C PHE B 92 8.46 5.53 -4.70
N LYS B 93 7.44 4.74 -4.38
CA LYS B 93 6.42 5.17 -3.43
C LYS B 93 7.06 5.66 -2.13
N GLN B 94 8.09 4.95 -1.65
CA GLN B 94 8.72 5.24 -0.37
C GLN B 94 10.08 5.91 -0.51
N SER B 95 10.38 6.46 -1.69
CA SER B 95 11.58 7.26 -1.83
C SER B 95 11.50 8.48 -0.93
N ASP B 96 12.65 8.99 -0.52
CA ASP B 96 12.68 10.19 0.31
C ASP B 96 12.18 11.39 -0.50
N LEU B 97 11.93 12.49 0.22
CA LEU B 97 11.48 13.73 -0.38
C LEU B 97 12.65 14.71 -0.34
N ASP B 98 13.28 14.94 -1.48
CA ASP B 98 14.43 15.84 -1.57
C ASP B 98 13.93 17.26 -1.85
N VAL B 99 14.26 18.19 -0.96
CA VAL B 99 13.72 19.55 -1.00
C VAL B 99 14.88 20.54 -1.01
N CYS B 100 14.79 21.51 -1.92
CA CYS B 100 15.77 22.59 -2.02
C CYS B 100 15.15 23.88 -1.51
N MET B 101 15.81 24.51 -0.55
CA MET B 101 15.34 25.76 0.03
C MET B 101 16.15 26.94 -0.51
N THR B 102 15.45 27.99 -0.91
CA THR B 102 16.06 29.26 -1.24
C THR B 102 15.26 30.37 -0.56
N ILE B 103 15.80 31.59 -0.62
CA ILE B 103 15.21 32.75 0.03
C ILE B 103 15.07 33.86 -1.00
N ASN B 104 13.85 34.30 -1.24
CA ASN B 104 13.62 35.38 -2.20
C ASN B 104 14.42 36.61 -1.79
N GLY B 105 15.21 37.12 -2.72
CA GLY B 105 16.11 38.23 -2.47
C GLY B 105 17.57 37.83 -2.50
N LEU B 106 17.86 36.54 -2.37
CA LEU B 106 19.20 35.99 -2.44
C LEU B 106 19.27 35.07 -3.65
N GLU B 107 19.86 35.55 -4.74
CA GLU B 107 19.92 34.76 -5.96
C GLU B 107 20.85 33.56 -5.81
N THR B 108 21.91 33.68 -5.00
CA THR B 108 22.81 32.57 -4.75
C THR B 108 23.15 32.54 -3.26
N ALA B 109 23.87 31.49 -2.87
CA ALA B 109 24.38 31.33 -1.50
C ALA B 109 25.71 32.05 -1.30
N GLU B 110 25.84 33.27 -1.81
CA GLU B 110 27.11 33.99 -1.80
C GLU B 110 27.09 34.93 -0.60
N GLY B 111 28.04 34.70 0.32
CA GLY B 111 28.06 35.38 1.58
C GLY B 111 27.15 34.79 2.64
N LEU B 112 26.31 33.82 2.28
CA LEU B 112 25.36 33.25 3.21
C LEU B 112 26.05 32.22 4.10
N ASP B 113 25.87 32.35 5.41
CA ASP B 113 26.38 31.37 6.37
C ASP B 113 25.44 30.18 6.32
N CYS B 114 25.81 29.17 5.52
CA CYS B 114 24.89 28.07 5.26
C CYS B 114 24.73 27.16 6.48
N VAL B 115 25.83 26.88 7.19
CA VAL B 115 25.73 26.04 8.38
C VAL B 115 24.86 26.71 9.42
N ARG B 116 25.03 28.02 9.62
CA ARG B 116 24.20 28.74 10.58
C ARG B 116 22.74 28.74 10.16
N THR B 117 22.47 28.88 8.86
CA THR B 117 21.11 28.82 8.36
C THR B 117 20.51 27.42 8.56
N ILE B 118 21.31 26.38 8.29
CA ILE B 118 20.82 25.01 8.46
C ILE B 118 20.45 24.73 9.91
N GLU B 119 21.27 25.17 10.85
CA GLU B 119 21.00 24.88 12.25
C GLU B 119 19.78 25.65 12.75
N GLU B 120 19.60 26.88 12.27
CA GLU B 120 18.39 27.61 12.62
C GLU B 120 17.16 26.94 12.01
N LEU B 121 17.30 26.43 10.79
CA LEU B 121 16.21 25.70 10.15
C LEU B 121 15.79 24.49 10.99
N ALA B 122 16.77 23.74 11.50
CA ALA B 122 16.45 22.59 12.33
C ALA B 122 15.67 23.00 13.57
N ARG B 123 16.06 24.11 14.21
CA ARG B 123 15.35 24.59 15.39
C ARG B 123 13.91 24.94 15.06
N VAL B 124 13.68 25.60 13.93
CA VAL B 124 12.32 25.95 13.54
C VAL B 124 11.48 24.70 13.33
N LEU B 125 12.03 23.70 12.64
CA LEU B 125 11.28 22.50 12.32
C LEU B 125 10.92 21.69 13.56
N ARG B 126 11.64 21.87 14.67
CA ARG B 126 11.30 21.18 15.90
C ARG B 126 9.98 21.65 16.49
N LYS B 127 9.47 22.80 16.04
CA LYS B 127 8.17 23.28 16.49
C LYS B 127 7.02 22.73 15.65
N HIS B 128 7.32 21.93 14.63
CA HIS B 128 6.29 21.38 13.75
C HIS B 128 5.81 20.06 14.32
N SER B 129 4.53 20.02 14.71
CA SER B 129 3.98 18.87 15.42
C SER B 129 3.87 17.62 14.54
N GLY B 130 3.93 17.77 13.23
CA GLY B 130 3.83 16.65 12.31
C GLY B 130 5.15 16.04 11.89
N LEU B 131 6.27 16.45 12.50
CA LEU B 131 7.59 15.96 12.13
C LEU B 131 8.22 15.25 13.32
N ARG B 132 9.22 14.41 13.03
CA ARG B 132 9.93 13.68 14.06
C ARG B 132 11.39 13.55 13.65
N ASN B 133 12.26 13.45 14.66
CA ASN B 133 13.67 13.13 14.46
C ASN B 133 14.36 14.16 13.56
N ILE B 134 14.28 15.43 13.97
CA ILE B 134 14.98 16.48 13.24
C ILE B 134 16.48 16.26 13.39
N LEU B 135 17.18 16.18 12.27
CA LEU B 135 18.60 15.88 12.31
C LEU B 135 19.38 16.74 11.31
N PRO B 136 20.11 17.75 11.77
CA PRO B 136 20.99 18.48 10.84
C PRO B 136 22.30 17.75 10.65
N ILE B 137 22.72 17.66 9.40
CA ILE B 137 23.98 17.00 9.03
C ILE B 137 24.80 18.07 8.30
N THR B 138 25.61 18.80 9.06
CA THR B 138 26.38 19.92 8.54
C THR B 138 27.74 19.52 7.98
N THR B 139 28.21 18.30 8.25
CA THR B 139 29.53 17.88 7.83
C THR B 139 29.56 17.24 6.44
N ALA B 140 28.41 16.97 5.84
CA ALA B 140 28.38 16.42 4.50
C ALA B 140 28.72 17.50 3.46
N LYS B 141 29.21 17.04 2.31
CA LYS B 141 29.47 17.98 1.20
C LYS B 141 28.24 18.84 0.93
N VAL B 142 27.08 18.22 0.88
CA VAL B 142 25.82 18.96 0.77
C VAL B 142 25.14 18.90 2.14
N PRO B 143 25.30 19.92 2.99
CA PRO B 143 24.63 19.88 4.30
C PRO B 143 23.11 19.85 4.14
N ILE B 144 22.46 19.04 4.98
CA ILE B 144 21.02 18.87 4.94
C ILE B 144 20.48 18.90 6.36
N VAL B 145 19.18 19.10 6.47
CA VAL B 145 18.43 18.77 7.68
C VAL B 145 17.38 17.74 7.26
N LYS B 146 17.45 16.56 7.85
CA LYS B 146 16.52 15.50 7.53
C LYS B 146 15.60 15.24 8.70
N PHE B 147 14.43 14.69 8.39
CA PHE B 147 13.43 14.43 9.43
C PHE B 147 12.36 13.50 8.85
N PHE B 148 11.48 13.07 9.72
CA PHE B 148 10.43 12.10 9.40
C PHE B 148 9.09 12.82 9.40
N HIS B 149 8.34 12.66 8.30
CA HIS B 149 7.01 13.24 8.18
C HIS B 149 5.98 12.18 8.58
N LEU B 150 5.25 12.45 9.66
CA LEU B 150 4.42 11.43 10.29
C LEU B 150 3.31 10.93 9.37
N ARG B 151 2.50 11.85 8.84
CA ARG B 151 1.29 11.43 8.13
C ARG B 151 1.60 10.67 6.85
N SER B 152 2.70 11.00 6.18
CA SER B 152 3.09 10.29 4.97
C SER B 152 4.08 9.16 5.25
N GLY B 153 4.74 9.18 6.40
CA GLY B 153 5.78 8.21 6.67
C GLY B 153 7.01 8.37 5.82
N LEU B 154 7.19 9.52 5.18
CA LEU B 154 8.31 9.75 4.29
C LEU B 154 9.44 10.49 5.00
N GLU B 155 10.66 10.16 4.59
CA GLU B 155 11.84 10.89 5.04
C GLU B 155 12.03 12.10 4.13
N VAL B 156 12.32 13.25 4.74
CA VAL B 156 12.50 14.51 4.03
C VAL B 156 13.93 15.02 4.26
N ASP B 157 14.55 15.52 3.19
CA ASP B 157 15.90 16.07 3.25
C ASP B 157 15.89 17.46 2.63
N ILE B 158 16.16 18.48 3.44
CA ILE B 158 16.18 19.87 2.98
C ILE B 158 17.63 20.33 2.87
N SER B 159 17.98 20.90 1.72
CA SER B 159 19.29 21.49 1.48
C SER B 159 19.12 22.94 1.04
N LEU B 160 20.22 23.69 1.07
CA LEU B 160 20.22 25.11 0.73
C LEU B 160 20.88 25.33 -0.62
N TYR B 161 20.17 26.04 -1.50
CA TYR B 161 20.71 26.48 -2.78
C TYR B 161 21.42 25.34 -3.51
N ASN B 162 20.74 24.19 -3.57
CA ASN B 162 21.23 23.04 -4.32
C ASN B 162 20.84 23.18 -5.79
N THR B 163 21.40 24.22 -6.42
CA THR B 163 20.92 24.62 -7.74
C THR B 163 21.21 23.56 -8.80
N LEU B 164 22.41 22.97 -8.78
CA LEU B 164 22.75 21.99 -9.80
C LEU B 164 21.88 20.76 -9.70
N ALA B 165 21.50 20.36 -8.48
CA ALA B 165 20.62 19.21 -8.33
C ALA B 165 19.27 19.45 -9.00
N LEU B 166 18.79 20.69 -8.95
CA LEU B 166 17.54 21.04 -9.62
C LEU B 166 17.66 20.82 -11.13
N HIS B 167 18.83 21.11 -11.69
CA HIS B 167 19.00 21.03 -13.14
C HIS B 167 19.22 19.60 -13.61
N ASN B 168 19.99 18.79 -12.88
CA ASN B 168 20.15 17.39 -13.28
C ASN B 168 18.86 16.61 -13.04
N THR B 169 17.99 17.08 -12.14
CA THR B 169 16.65 16.52 -12.04
C THR B 169 15.87 16.75 -13.34
N ARG B 170 15.89 18.00 -13.84
CA ARG B 170 15.26 18.30 -15.11
C ARG B 170 15.89 17.50 -16.24
N LEU B 171 17.21 17.34 -16.21
CA LEU B 171 17.90 16.57 -17.24
C LEU B 171 17.42 15.12 -17.26
N LEU B 172 17.42 14.47 -16.10
CA LEU B 172 16.98 13.08 -16.03
C LEU B 172 15.51 12.93 -16.42
N SER B 173 14.68 13.92 -16.04
CA SER B 173 13.28 13.87 -16.43
C SER B 173 13.14 13.90 -17.95
N ALA B 174 13.93 14.74 -18.62
CA ALA B 174 13.91 14.77 -20.08
C ALA B 174 14.26 13.41 -20.66
N TYR B 175 15.31 12.77 -20.12
CA TYR B 175 15.67 11.44 -20.59
C TYR B 175 14.55 10.43 -20.37
N SER B 176 13.90 10.48 -19.20
CA SER B 176 12.83 9.54 -18.90
C SER B 176 11.66 9.68 -19.87
N ALA B 177 11.52 10.84 -20.52
CA ALA B 177 10.42 11.09 -21.43
C ALA B 177 10.73 10.69 -22.87
N ILE B 178 11.99 10.44 -23.20
CA ILE B 178 12.34 10.09 -24.58
C ILE B 178 11.77 8.72 -24.95
N ASP B 179 11.80 7.77 -24.02
CA ASP B 179 11.42 6.41 -24.34
C ASP B 179 10.95 5.70 -23.07
N PRO B 180 9.82 4.99 -23.10
CA PRO B 180 9.36 4.29 -21.89
C PRO B 180 10.39 3.33 -21.34
N ARG B 181 11.26 2.78 -22.19
CA ARG B 181 12.25 1.82 -21.72
C ARG B 181 13.22 2.46 -20.74
N VAL B 182 13.41 3.78 -20.84
CA VAL B 182 14.29 4.47 -19.89
C VAL B 182 13.76 4.32 -18.47
N LYS B 183 12.45 4.55 -18.28
CA LYS B 183 11.87 4.39 -16.95
C LYS B 183 11.98 2.95 -16.47
N TYR B 184 11.55 2.00 -17.30
CA TYR B 184 11.57 0.60 -16.89
C TYR B 184 12.96 0.17 -16.44
N LEU B 185 14.00 0.59 -17.16
CA LEU B 185 15.35 0.16 -16.82
C LEU B 185 15.85 0.84 -15.56
N CYS B 186 15.59 2.14 -15.42
CA CYS B 186 16.00 2.85 -14.21
C CYS B 186 15.30 2.28 -12.98
N TYR B 187 14.02 1.91 -13.11
CA TYR B 187 13.32 1.27 -12.01
C TYR B 187 13.93 -0.09 -11.69
N THR B 188 14.24 -0.88 -12.72
CA THR B 188 14.86 -2.18 -12.49
C THR B 188 16.23 -2.03 -11.82
N MET B 189 17.04 -1.08 -12.30
CA MET B 189 18.33 -0.83 -11.67
C MET B 189 18.18 -0.42 -10.22
N LYS B 190 17.19 0.41 -9.92
CA LYS B 190 16.99 0.87 -8.55
C LYS B 190 16.57 -0.28 -7.64
N VAL B 191 15.70 -1.17 -8.13
CA VAL B 191 15.34 -2.36 -7.36
C VAL B 191 16.56 -3.24 -7.15
N PHE B 192 17.31 -3.50 -8.23
CA PHE B 192 18.45 -4.40 -8.17
C PHE B 192 19.46 -3.94 -7.11
N THR B 193 19.90 -2.68 -7.20
CA THR B 193 20.89 -2.17 -6.26
C THR B 193 20.33 -2.04 -4.86
N LYS B 194 19.03 -1.75 -4.73
CA LYS B 194 18.40 -1.68 -3.42
C LYS B 194 18.43 -3.04 -2.74
N MET B 195 18.09 -4.10 -3.49
CA MET B 195 18.06 -5.44 -2.93
C MET B 195 19.47 -5.94 -2.58
N CYS B 196 20.48 -5.47 -3.31
CA CYS B 196 21.87 -5.82 -3.01
C CYS B 196 22.48 -4.94 -1.92
N ASP B 197 21.79 -3.90 -1.48
CA ASP B 197 22.28 -3.04 -0.41
C ASP B 197 23.55 -2.30 -0.81
N ILE B 198 23.55 -1.77 -2.03
CA ILE B 198 24.70 -1.04 -2.56
C ILE B 198 24.26 0.33 -3.08
N GLY B 199 23.11 0.81 -2.63
CA GLY B 199 22.58 2.07 -3.12
C GLY B 199 22.40 3.12 -2.05
N ASP B 200 23.34 3.19 -1.11
CA ASP B 200 23.29 4.19 -0.02
C ASP B 200 24.69 4.79 0.12
N ALA B 201 24.89 5.98 -0.44
CA ALA B 201 26.19 6.63 -0.33
C ALA B 201 26.52 6.99 1.12
N SER B 202 25.50 7.21 1.95
CA SER B 202 25.75 7.54 3.36
C SER B 202 26.32 6.36 4.14
N ARG B 203 26.26 5.14 3.61
CA ARG B 203 26.85 3.98 4.26
C ARG B 203 28.04 3.41 3.49
N GLY B 204 28.57 4.15 2.52
CA GLY B 204 29.79 3.79 1.84
C GLY B 204 29.63 3.21 0.43
N SER B 205 28.40 2.90 0.00
CA SER B 205 28.20 2.41 -1.35
C SER B 205 27.87 3.61 -2.25
N LEU B 206 27.16 3.39 -3.34
CA LEU B 206 26.87 4.45 -4.31
C LEU B 206 25.47 5.02 -4.13
N SER B 207 25.33 6.30 -4.48
CA SER B 207 24.03 6.93 -4.53
C SER B 207 23.19 6.33 -5.64
N SER B 208 21.87 6.25 -5.41
CA SER B 208 20.98 5.78 -6.46
C SER B 208 21.04 6.70 -7.68
N TYR B 209 21.36 7.98 -7.47
CA TYR B 209 21.56 8.90 -8.58
C TYR B 209 22.75 8.47 -9.45
N ALA B 210 23.78 7.90 -8.83
CA ALA B 210 24.91 7.40 -9.62
C ALA B 210 24.50 6.21 -10.48
N TYR B 211 23.68 5.31 -9.94
CA TYR B 211 23.23 4.17 -10.74
C TYR B 211 22.32 4.61 -11.88
N THR B 212 21.52 5.65 -11.66
CA THR B 212 20.72 6.18 -12.76
C THR B 212 21.61 6.66 -13.90
N LEU B 213 22.72 7.32 -13.58
CA LEU B 213 23.65 7.76 -14.61
C LEU B 213 24.23 6.56 -15.36
N MET B 214 24.48 5.47 -14.65
CA MET B 214 25.00 4.27 -15.30
C MET B 214 24.00 3.71 -16.31
N VAL B 215 22.71 3.77 -15.98
CA VAL B 215 21.69 3.33 -16.94
C VAL B 215 21.72 4.22 -18.17
N LEU B 216 21.68 5.53 -17.97
CA LEU B 216 21.65 6.46 -19.09
C LEU B 216 22.90 6.32 -19.95
N TYR B 217 24.07 6.16 -19.31
CA TYR B 217 25.30 6.00 -20.08
C TYR B 217 25.27 4.74 -20.94
N PHE B 218 24.79 3.64 -20.37
CA PHE B 218 24.66 2.40 -21.14
C PHE B 218 23.76 2.61 -22.35
N LEU B 219 22.62 3.28 -22.16
CA LEU B 219 21.68 3.48 -23.26
C LEU B 219 22.22 4.44 -24.31
N GLN B 220 23.11 5.37 -23.90
CA GLN B 220 23.73 6.26 -24.88
C GLN B 220 24.79 5.54 -25.69
N GLN B 221 25.53 4.63 -25.06
CA GLN B 221 26.60 3.89 -25.73
C GLN B 221 26.10 2.66 -26.46
N ARG B 222 24.85 2.25 -26.24
CA ARG B 222 24.30 1.08 -26.92
C ARG B 222 24.33 1.28 -28.42
N ASN B 223 24.47 0.18 -29.16
CA ASN B 223 24.48 0.22 -30.61
C ASN B 223 23.25 -0.50 -31.19
N PRO B 224 22.28 0.25 -31.74
CA PRO B 224 22.16 1.71 -31.79
C PRO B 224 21.71 2.30 -30.46
N PRO B 225 21.93 3.60 -30.25
CA PRO B 225 21.59 4.19 -28.95
C PRO B 225 20.08 4.25 -28.73
N VAL B 226 19.69 4.05 -27.47
CA VAL B 226 18.28 4.20 -27.09
C VAL B 226 17.97 5.65 -26.80
N ILE B 227 18.95 6.42 -26.33
CA ILE B 227 18.78 7.85 -26.07
C ILE B 227 19.98 8.60 -26.62
N PRO B 228 19.80 9.89 -26.93
CA PRO B 228 20.94 10.69 -27.38
C PRO B 228 21.70 11.31 -26.23
N VAL B 229 22.65 12.18 -26.54
CA VAL B 229 23.34 13.00 -25.54
C VAL B 229 22.72 14.38 -25.64
N LEU B 230 21.77 14.67 -24.75
CA LEU B 230 21.01 15.91 -24.82
C LEU B 230 21.90 17.13 -24.66
N GLN B 231 22.99 17.00 -23.89
CA GLN B 231 23.90 18.13 -23.70
C GLN B 231 24.74 18.43 -24.94
N GLU B 232 24.65 17.61 -25.99
CA GLU B 232 25.38 17.87 -27.23
C GLU B 232 24.45 18.12 -28.41
N ILE B 233 23.14 18.27 -28.18
CA ILE B 233 22.18 18.59 -29.22
C ILE B 233 21.73 20.03 -29.03
N TYR B 234 21.73 20.79 -30.13
CA TYR B 234 21.35 22.20 -30.08
C TYR B 234 21.21 22.69 -31.51
N LYS B 235 20.43 23.75 -31.68
CA LYS B 235 20.41 24.47 -32.94
C LYS B 235 21.72 25.24 -33.08
N GLY B 236 22.43 25.00 -34.18
CA GLY B 236 23.77 25.53 -34.35
C GLY B 236 23.86 27.01 -34.06
N GLU B 237 25.06 27.59 -34.07
CA GLU B 237 26.30 26.88 -34.42
C GLU B 237 27.00 26.31 -33.19
N LYS B 238 27.06 27.09 -32.11
CA LYS B 238 27.76 26.70 -30.90
C LYS B 238 26.80 26.20 -29.83
N LYS B 239 27.33 25.40 -28.93
CA LYS B 239 26.55 24.95 -27.78
C LYS B 239 26.28 26.14 -26.86
N PRO B 240 25.02 26.37 -26.46
CA PRO B 240 24.75 27.48 -25.53
C PRO B 240 25.49 27.30 -24.20
N GLU B 241 25.86 28.44 -23.61
CA GLU B 241 26.59 28.47 -22.35
C GLU B 241 25.70 29.14 -21.30
N ILE B 242 25.10 28.33 -20.43
CA ILE B 242 24.29 28.80 -19.31
C ILE B 242 24.99 28.31 -18.06
N PHE B 243 25.60 29.23 -17.31
CA PHE B 243 26.47 28.87 -16.19
C PHE B 243 25.72 28.98 -14.87
N VAL B 244 25.83 27.95 -14.04
CA VAL B 244 25.28 27.93 -12.69
C VAL B 244 26.34 27.34 -11.77
N ASP B 245 26.74 28.10 -10.76
CA ASP B 245 27.74 27.64 -9.79
C ASP B 245 29.00 27.14 -10.48
N GLY B 246 29.36 27.78 -11.60
CA GLY B 246 30.60 27.50 -12.29
C GLY B 246 30.55 26.46 -13.38
N TRP B 247 29.37 25.92 -13.68
CA TRP B 247 29.24 24.83 -14.65
C TRP B 247 28.16 25.15 -15.67
N ASN B 248 28.39 24.74 -16.91
CA ASN B 248 27.41 24.89 -17.97
C ASN B 248 26.32 23.84 -17.80
N ILE B 249 25.09 24.29 -17.58
CA ILE B 249 23.96 23.39 -17.33
C ILE B 249 23.05 23.27 -18.55
N TYR B 250 23.50 23.71 -19.72
CA TYR B 250 22.62 23.62 -20.89
C TYR B 250 22.37 22.17 -21.27
N PHE B 251 21.16 21.93 -21.77
CA PHE B 251 20.85 20.68 -22.46
C PHE B 251 19.58 20.89 -23.26
N PHE B 252 19.42 20.06 -24.30
CA PHE B 252 18.25 20.13 -25.16
C PHE B 252 17.06 19.50 -24.44
N ASP B 253 15.99 20.28 -24.25
CA ASP B 253 14.83 19.84 -23.48
C ASP B 253 13.53 19.88 -24.27
N GLN B 254 13.57 20.19 -25.56
CA GLN B 254 12.38 20.14 -26.40
C GLN B 254 12.28 18.74 -27.01
N ILE B 255 11.90 17.79 -26.15
CA ILE B 255 11.93 16.38 -26.54
C ILE B 255 10.95 16.09 -27.67
N ASP B 256 9.84 16.83 -27.73
CA ASP B 256 8.87 16.63 -28.80
C ASP B 256 9.49 16.90 -30.17
N GLU B 257 10.53 17.75 -30.23
CA GLU B 257 11.21 18.07 -31.46
C GLU B 257 12.47 17.23 -31.67
N LEU B 258 12.68 16.22 -30.84
CA LEU B 258 13.92 15.44 -30.91
C LEU B 258 14.10 14.72 -32.23
N PRO B 259 13.07 14.11 -32.85
CA PRO B 259 13.29 13.45 -34.14
C PRO B 259 13.91 14.36 -35.18
N THR B 260 13.70 15.67 -35.07
CA THR B 260 14.28 16.59 -36.03
C THR B 260 15.79 16.70 -35.85
N TYR B 261 16.25 16.72 -34.60
CA TYR B 261 17.66 16.98 -34.29
C TYR B 261 18.43 15.72 -33.91
N TRP B 262 17.78 14.56 -33.84
CA TRP B 262 18.46 13.30 -33.55
C TRP B 262 18.17 12.34 -34.70
N SER B 263 19.19 12.08 -35.52
CA SER B 263 19.00 11.24 -36.71
C SER B 263 18.70 9.80 -36.35
N GLU B 264 19.35 9.28 -35.30
CA GLU B 264 19.19 7.88 -34.93
C GLU B 264 17.97 7.63 -34.06
N CYS B 265 16.96 8.48 -34.14
CA CYS B 265 15.80 8.35 -33.27
C CYS B 265 15.00 7.10 -33.60
N GLY B 266 14.74 6.28 -32.58
CA GLY B 266 13.88 5.13 -32.74
C GLY B 266 14.46 3.96 -33.51
N LYS B 267 15.78 3.92 -33.68
CA LYS B 267 16.39 2.81 -34.42
C LYS B 267 16.60 1.58 -33.56
N ASN B 268 16.75 1.76 -32.25
CA ASN B 268 16.91 0.61 -31.35
C ASN B 268 15.54 0.05 -30.98
N THR B 269 15.34 -1.24 -31.25
CA THR B 269 14.04 -1.88 -31.02
C THR B 269 14.14 -3.02 -30.00
N GLU B 270 15.18 -3.05 -29.19
CA GLU B 270 15.31 -4.09 -28.18
C GLU B 270 14.22 -3.95 -27.12
N SER B 271 13.75 -5.09 -26.62
CA SER B 271 12.82 -5.06 -25.50
C SER B 271 13.53 -4.64 -24.23
N VAL B 272 12.75 -4.39 -23.18
CA VAL B 272 13.34 -3.96 -21.91
C VAL B 272 14.24 -5.04 -21.35
N GLY B 273 13.78 -6.30 -21.41
CA GLY B 273 14.59 -7.39 -20.87
C GLY B 273 15.90 -7.55 -21.61
N GLN B 274 15.87 -7.43 -22.95
CA GLN B 274 17.12 -7.43 -23.71
C GLN B 274 18.07 -6.36 -23.19
N LEU B 275 17.54 -5.16 -22.93
CA LEU B 275 18.40 -4.05 -22.51
C LEU B 275 18.88 -4.23 -21.08
N TRP B 276 18.05 -4.80 -20.20
CA TRP B 276 18.47 -5.02 -18.82
C TRP B 276 19.59 -6.04 -18.75
N LEU B 277 19.44 -7.17 -19.45
CA LEU B 277 20.52 -8.14 -19.51
C LEU B 277 21.73 -7.56 -20.22
N GLY B 278 21.50 -6.72 -21.25
CA GLY B 278 22.61 -6.06 -21.92
C GLY B 278 23.39 -5.14 -21.00
N LEU B 279 22.68 -4.46 -20.10
CA LEU B 279 23.35 -3.58 -19.15
C LEU B 279 24.24 -4.38 -18.21
N LEU B 280 23.72 -5.47 -17.65
CA LEU B 280 24.52 -6.30 -16.75
C LEU B 280 25.76 -6.83 -17.47
N ARG B 281 25.59 -7.28 -18.71
CA ARG B 281 26.73 -7.77 -19.48
C ARG B 281 27.68 -6.64 -19.83
N PHE B 282 27.14 -5.46 -20.14
CA PHE B 282 27.97 -4.33 -20.52
C PHE B 282 28.96 -3.98 -19.42
N TYR B 283 28.49 -3.89 -18.18
CA TYR B 283 29.32 -3.49 -17.06
C TYR B 283 30.09 -4.66 -16.43
N THR B 284 29.88 -5.89 -16.88
CA THR B 284 30.68 -7.02 -16.41
C THR B 284 31.62 -7.59 -17.47
N GLU B 285 31.25 -7.48 -18.75
CA GLU B 285 32.04 -8.04 -19.85
C GLU B 285 32.75 -6.98 -20.68
N GLU B 286 32.08 -5.87 -20.99
CA GLU B 286 32.53 -4.95 -22.03
C GLU B 286 33.21 -3.70 -21.47
N PHE B 287 32.58 -3.02 -20.52
CA PHE B 287 33.08 -1.71 -20.10
C PHE B 287 34.40 -1.84 -19.36
N ASP B 288 35.35 -0.98 -19.73
CA ASP B 288 36.68 -0.95 -19.13
C ASP B 288 36.67 0.11 -18.03
N PHE B 289 36.48 -0.33 -16.78
CA PHE B 289 36.38 0.62 -15.68
C PHE B 289 37.71 1.33 -15.42
N LYS B 290 38.83 0.61 -15.55
CA LYS B 290 40.13 1.22 -15.26
C LYS B 290 40.55 2.22 -16.33
N GLU B 291 39.88 2.25 -17.48
CA GLU B 291 40.29 3.10 -18.59
C GLU B 291 39.33 4.25 -18.88
N HIS B 292 38.04 4.07 -18.63
CA HIS B 292 37.04 5.02 -19.10
C HIS B 292 36.14 5.47 -17.96
N VAL B 293 35.60 6.67 -18.12
CA VAL B 293 34.73 7.31 -17.14
C VAL B 293 33.29 7.24 -17.65
N ILE B 294 32.38 6.86 -16.75
CA ILE B 294 30.96 6.87 -17.07
C ILE B 294 30.51 8.32 -17.09
N SER B 295 30.21 8.83 -18.29
CA SER B 295 29.98 10.26 -18.51
C SER B 295 28.86 10.42 -19.54
N ILE B 296 27.73 10.97 -19.11
CA ILE B 296 26.57 11.11 -19.99
C ILE B 296 26.53 12.46 -20.70
N ARG B 297 27.49 13.34 -20.45
CA ARG B 297 27.49 14.66 -21.09
C ARG B 297 28.05 14.63 -22.50
N ARG B 298 28.73 13.55 -22.89
CA ARG B 298 29.37 13.48 -24.19
C ARG B 298 29.30 12.05 -24.70
N LYS B 299 29.05 11.90 -26.00
CA LYS B 299 29.00 10.57 -26.60
C LYS B 299 30.38 9.99 -26.79
N SER B 300 31.38 10.85 -27.03
CA SER B 300 32.74 10.38 -27.19
C SER B 300 33.28 9.86 -25.86
N LEU B 301 33.97 8.72 -25.93
CA LEU B 301 34.48 8.10 -24.71
C LEU B 301 35.40 9.05 -23.95
N LEU B 302 35.29 9.02 -22.63
CA LEU B 302 36.08 9.84 -21.73
C LEU B 302 37.06 8.94 -20.99
N THR B 303 38.34 9.28 -21.05
CA THR B 303 39.38 8.43 -20.47
C THR B 303 39.65 8.80 -19.02
N THR B 304 39.97 7.79 -18.23
CA THR B 304 40.35 8.01 -16.84
C THR B 304 41.62 8.84 -16.72
N PHE B 305 42.55 8.67 -17.68
CA PHE B 305 43.81 9.41 -17.62
C PHE B 305 43.60 10.89 -17.87
N LYS B 306 42.77 11.24 -18.85
CA LYS B 306 42.49 12.64 -19.14
C LYS B 306 41.93 13.34 -17.90
N LYS B 307 41.04 12.68 -17.18
CA LYS B 307 40.41 13.26 -16.00
C LYS B 307 41.29 13.19 -14.77
N GLN B 308 42.42 12.47 -14.83
CA GLN B 308 43.27 12.24 -13.66
C GLN B 308 42.48 11.59 -12.54
N TRP B 309 41.60 10.65 -12.89
CA TRP B 309 40.79 9.93 -11.92
C TRP B 309 41.13 8.45 -11.96
N THR B 310 42.42 8.13 -11.87
CA THR B 310 42.89 6.76 -11.94
C THR B 310 42.95 6.07 -10.58
N SER B 311 42.63 6.79 -9.51
CA SER B 311 42.69 6.21 -8.18
C SER B 311 41.69 5.07 -8.01
N LYS B 312 40.49 5.24 -8.53
CA LYS B 312 39.39 4.31 -8.29
C LYS B 312 39.10 3.47 -9.52
N TYR B 313 38.33 2.40 -9.30
CA TYR B 313 37.89 1.51 -10.37
C TYR B 313 36.59 2.02 -11.00
N ILE B 314 35.56 2.23 -10.19
CA ILE B 314 34.29 2.76 -10.66
C ILE B 314 34.35 4.28 -10.63
N VAL B 315 34.28 4.89 -11.81
CA VAL B 315 34.43 6.33 -11.97
C VAL B 315 33.21 6.85 -12.73
N ILE B 316 32.43 7.71 -12.06
CA ILE B 316 31.19 8.23 -12.62
C ILE B 316 31.23 9.75 -12.52
N GLU B 317 31.16 10.42 -13.67
CA GLU B 317 31.24 11.87 -13.73
C GLU B 317 29.85 12.48 -13.74
N ASP B 318 29.67 13.54 -12.95
CA ASP B 318 28.40 14.24 -12.92
C ASP B 318 28.20 14.97 -14.25
N PRO B 319 26.98 15.00 -14.80
CA PRO B 319 26.78 15.63 -16.11
C PRO B 319 27.09 17.13 -16.13
N PHE B 320 27.01 17.82 -15.00
CA PHE B 320 27.27 19.25 -14.93
C PHE B 320 28.51 19.59 -14.13
N ASP B 321 28.59 19.11 -12.89
CA ASP B 321 29.77 19.35 -12.04
C ASP B 321 30.86 18.38 -12.46
N LEU B 322 31.67 18.80 -13.43
CA LEU B 322 32.66 17.90 -14.01
C LEU B 322 33.80 17.57 -13.06
N ASN B 323 33.88 18.22 -11.91
CA ASN B 323 34.86 17.86 -10.89
C ASN B 323 34.35 16.82 -9.90
N HIS B 324 33.11 16.35 -10.05
CA HIS B 324 32.49 15.44 -9.08
C HIS B 324 32.54 14.02 -9.63
N ASN B 325 33.31 13.17 -8.97
CA ASN B 325 33.35 11.74 -9.28
C ASN B 325 32.46 11.03 -8.26
N LEU B 326 31.29 10.57 -8.72
CA LEU B 326 30.32 9.95 -7.82
C LEU B 326 30.89 8.72 -7.12
N GLY B 327 31.93 8.10 -7.67
CA GLY B 327 32.51 6.92 -7.09
C GLY B 327 33.78 7.18 -6.31
N ALA B 328 34.02 8.44 -5.95
CA ALA B 328 35.27 8.83 -5.31
C ALA B 328 35.39 8.30 -3.89
N GLY B 329 34.29 7.87 -3.27
CA GLY B 329 34.34 7.39 -1.90
C GLY B 329 34.48 5.89 -1.74
N LEU B 330 34.33 5.14 -2.83
CA LEU B 330 34.30 3.68 -2.72
C LEU B 330 35.64 3.13 -2.29
N SER B 331 35.61 2.24 -1.29
CA SER B 331 36.78 1.48 -0.90
C SER B 331 36.97 0.31 -1.85
N ARG B 332 38.07 -0.42 -1.66
CA ARG B 332 38.32 -1.60 -2.48
C ARG B 332 37.39 -2.75 -2.09
N LYS B 333 37.04 -2.86 -0.80
CA LYS B 333 36.09 -3.89 -0.37
C LYS B 333 34.71 -3.64 -0.98
N MET B 334 34.23 -2.40 -0.89
CA MET B 334 32.91 -2.07 -1.44
C MET B 334 32.89 -2.24 -2.94
N THR B 335 34.01 -1.93 -3.61
CA THR B 335 34.08 -2.11 -5.06
C THR B 335 33.98 -3.59 -5.42
N ASN B 336 34.67 -4.46 -4.68
CA ASN B 336 34.54 -5.89 -4.91
C ASN B 336 33.11 -6.36 -4.68
N PHE B 337 32.47 -5.88 -3.61
CA PHE B 337 31.11 -6.28 -3.30
C PHE B 337 30.15 -5.87 -4.40
N ILE B 338 30.30 -4.65 -4.92
CA ILE B 338 29.41 -4.15 -5.97
C ILE B 338 29.58 -4.97 -7.24
N MET B 339 30.83 -5.16 -7.68
CA MET B 339 31.07 -5.88 -8.92
C MET B 339 30.60 -7.32 -8.81
N LYS B 340 30.76 -7.95 -7.63
CA LYS B 340 30.29 -9.31 -7.45
C LYS B 340 28.77 -9.40 -7.60
N ALA B 341 28.05 -8.39 -7.11
CA ALA B 341 26.60 -8.37 -7.27
C ALA B 341 26.20 -8.34 -8.74
N PHE B 342 26.85 -7.47 -9.52
CA PHE B 342 26.51 -7.37 -10.94
C PHE B 342 26.86 -8.66 -11.68
N ILE B 343 27.97 -9.30 -11.31
CA ILE B 343 28.30 -10.58 -11.91
C ILE B 343 27.23 -11.62 -11.60
N ASN B 344 26.79 -11.67 -10.33
CA ASN B 344 25.71 -12.58 -9.97
C ASN B 344 24.42 -12.21 -10.68
N GLY B 345 24.13 -10.92 -10.81
CA GLY B 345 22.96 -10.52 -11.56
C GLY B 345 22.99 -11.00 -13.00
N ARG B 346 24.16 -10.92 -13.64
CA ARG B 346 24.30 -11.42 -15.00
C ARG B 346 23.93 -12.89 -15.09
N ARG B 347 24.33 -13.68 -14.09
CA ARG B 347 24.08 -15.12 -14.14
C ARG B 347 22.59 -15.42 -13.94
N VAL B 348 21.94 -14.73 -13.01
CA VAL B 348 20.54 -15.02 -12.71
C VAL B 348 19.65 -14.57 -13.87
N PHE B 349 19.90 -13.38 -14.41
CA PHE B 349 19.10 -12.85 -15.51
C PHE B 349 19.52 -13.38 -16.88
N GLY B 350 20.70 -13.98 -16.98
CA GLY B 350 21.23 -14.37 -18.27
C GLY B 350 21.17 -15.85 -18.58
N ILE B 351 20.98 -16.68 -17.55
CA ILE B 351 20.98 -18.13 -17.75
C ILE B 351 19.54 -18.59 -17.57
N PRO B 352 18.81 -18.83 -18.65
CA PRO B 352 17.39 -19.20 -18.54
C PRO B 352 17.17 -20.53 -17.83
N VAL B 353 16.45 -20.46 -16.71
CA VAL B 353 15.95 -21.63 -15.99
C VAL B 353 14.45 -21.37 -15.86
N LYS B 354 13.68 -21.77 -16.87
CA LYS B 354 12.40 -21.15 -17.14
C LYS B 354 11.22 -21.85 -16.49
N GLY B 355 11.44 -22.78 -15.56
CA GLY B 355 10.34 -23.39 -14.85
C GLY B 355 9.47 -22.36 -14.15
N TYR B 360 7.63 -21.20 -9.90
CA TYR B 360 7.90 -19.96 -9.18
C TYR B 360 6.69 -19.02 -9.23
N PRO B 361 5.86 -19.02 -8.18
CA PRO B 361 4.69 -18.11 -8.20
C PRO B 361 5.06 -16.64 -8.21
N SER B 362 6.31 -16.29 -7.94
CA SER B 362 6.77 -14.90 -8.01
C SER B 362 8.08 -14.83 -8.78
N LYS B 363 8.05 -14.16 -9.92
CA LYS B 363 9.27 -13.94 -10.69
C LYS B 363 10.19 -12.96 -9.97
N MET B 364 9.60 -12.00 -9.25
CA MET B 364 10.39 -11.03 -8.50
C MET B 364 11.24 -11.70 -7.43
N GLU B 365 10.68 -12.68 -6.72
CA GLU B 365 11.44 -13.33 -5.65
C GLU B 365 12.58 -14.18 -6.19
N TYR B 366 12.44 -14.71 -7.41
CA TYR B 366 13.52 -15.51 -7.97
C TYR B 366 14.67 -14.65 -8.45
N PHE B 367 14.38 -13.60 -9.22
CA PHE B 367 15.44 -12.82 -9.87
C PHE B 367 16.15 -11.88 -8.89
N PHE B 368 15.47 -11.41 -7.85
CA PHE B 368 16.03 -10.46 -6.90
C PHE B 368 16.26 -11.10 -5.54
N ASP B 369 16.67 -12.35 -5.52
CA ASP B 369 16.96 -13.05 -4.27
C ASP B 369 18.30 -12.61 -3.71
N PRO B 370 18.35 -11.95 -2.55
CA PRO B 370 19.65 -11.50 -2.03
C PRO B 370 20.61 -12.63 -1.72
N ASP B 371 20.11 -13.79 -1.28
CA ASP B 371 20.99 -14.92 -1.01
C ASP B 371 21.77 -15.34 -2.25
N VAL B 372 21.26 -15.04 -3.44
CA VAL B 372 21.97 -15.34 -4.67
C VAL B 372 22.83 -14.17 -5.11
N LEU B 373 22.27 -12.95 -5.09
CA LEU B 373 22.98 -11.81 -5.67
C LEU B 373 24.19 -11.41 -4.83
N THR B 374 24.09 -11.51 -3.50
CA THR B 374 25.20 -11.18 -2.62
C THR B 374 25.69 -12.38 -1.82
N GLU B 375 25.18 -13.59 -2.10
CA GLU B 375 25.64 -14.80 -1.43
C GLU B 375 25.45 -14.71 0.08
N GLY B 376 24.34 -14.09 0.50
CA GLY B 376 24.02 -13.97 1.91
C GLY B 376 24.89 -13.01 2.69
N GLU B 377 25.92 -12.44 2.08
CA GLU B 377 26.80 -11.51 2.76
C GLU B 377 26.21 -10.12 2.80
N LEU B 378 26.56 -9.36 3.83
CA LEU B 378 26.16 -7.97 3.95
C LEU B 378 27.21 -7.06 3.36
N ALA B 379 26.77 -5.88 2.94
CA ALA B 379 27.70 -4.91 2.36
C ALA B 379 28.72 -4.48 3.42
N PRO B 380 29.98 -4.27 3.04
CA PRO B 380 30.98 -3.82 4.03
C PRO B 380 30.64 -2.45 4.60
N ASN B 381 31.12 -2.20 5.81
CA ASN B 381 30.83 -0.96 6.52
C ASN B 381 32.02 -0.46 7.33
N ASP B 382 33.24 -0.73 6.86
CA ASP B 382 34.42 -0.36 7.63
C ASP B 382 34.55 1.16 7.79
N ARG B 383 34.09 1.92 6.80
CA ARG B 383 34.16 3.38 6.86
C ARG B 383 33.07 3.99 7.74
N CYS B 384 32.16 3.19 8.27
CA CYS B 384 30.97 3.71 8.93
C CYS B 384 31.21 3.97 10.41
N CYS B 385 30.58 5.02 10.92
CA CYS B 385 30.59 5.30 12.36
C CYS B 385 29.86 4.19 13.10
N ARG B 386 30.46 3.72 14.20
CA ARG B 386 29.84 2.64 14.97
C ARG B 386 28.51 3.09 15.58
N ILE B 387 28.36 4.38 15.87
CA ILE B 387 27.20 4.85 16.59
C ILE B 387 25.97 4.90 15.68
N CYS B 388 26.10 5.58 14.53
CA CYS B 388 24.98 5.80 13.64
C CYS B 388 25.04 4.98 12.35
N GLY B 389 26.15 4.29 12.09
CA GLY B 389 26.27 3.48 10.90
C GLY B 389 26.50 4.25 9.61
N LYS B 390 26.66 5.57 9.69
CA LYS B 390 26.92 6.39 8.51
C LYS B 390 28.40 6.76 8.42
N ILE B 391 28.79 7.28 7.27
CA ILE B 391 30.17 7.66 7.01
C ILE B 391 30.31 9.17 7.11
N GLY B 392 31.54 9.65 7.02
CA GLY B 392 31.82 11.07 6.89
C GLY B 392 32.13 11.81 8.17
N HIS B 393 32.30 11.11 9.30
CA HIS B 393 32.56 11.81 10.55
C HIS B 393 33.14 10.85 11.56
N PHE B 394 33.96 11.39 12.46
CA PHE B 394 34.49 10.64 13.58
C PHE B 394 33.51 10.68 14.74
N MET B 395 33.73 9.80 15.72
CA MET B 395 32.80 9.65 16.82
C MET B 395 32.51 10.99 17.50
N LYS B 396 33.54 11.84 17.62
CA LYS B 396 33.37 13.12 18.31
C LYS B 396 32.33 14.00 17.62
N ASP B 397 32.17 13.86 16.30
CA ASP B 397 31.25 14.67 15.53
C ASP B 397 29.94 13.95 15.22
N CYS B 398 29.62 12.90 15.98
CA CYS B 398 28.43 12.12 15.69
C CYS B 398 27.19 12.79 16.27
N PRO B 399 26.17 13.07 15.46
CA PRO B 399 24.94 13.66 16.03
C PRO B 399 24.25 12.78 17.06
N MET B 400 24.54 11.48 17.08
CA MET B 400 23.88 10.58 18.02
C MET B 400 24.63 10.53 19.35
N LEU C 25 -17.19 28.09 -26.13
CA LEU C 25 -16.17 27.07 -25.92
C LEU C 25 -15.71 26.45 -27.22
N GLU C 26 -14.47 25.95 -27.22
CA GLU C 26 -13.93 25.31 -28.41
C GLU C 26 -14.84 24.16 -28.83
N PRO C 27 -15.12 24.00 -30.12
CA PRO C 27 -15.84 22.80 -30.56
C PRO C 27 -14.95 21.57 -30.41
N LEU C 28 -15.56 20.48 -30.00
CA LEU C 28 -14.77 19.27 -29.83
C LEU C 28 -14.78 18.46 -31.12
N PRO C 29 -13.65 17.95 -31.58
CA PRO C 29 -13.66 17.09 -32.76
C PRO C 29 -14.27 15.75 -32.43
N PRO C 30 -14.78 15.03 -33.42
CA PRO C 30 -15.41 13.73 -33.14
C PRO C 30 -14.41 12.77 -32.51
N LEU C 31 -14.92 11.90 -31.65
CA LEU C 31 -14.06 10.93 -30.98
C LEU C 31 -13.81 9.74 -31.88
N THR C 32 -12.65 9.16 -31.73
CA THR C 32 -12.28 7.94 -32.42
C THR C 32 -12.50 6.72 -31.54
N PRO C 33 -12.71 5.55 -32.12
CA PRO C 33 -12.79 4.34 -31.29
C PRO C 33 -11.56 4.10 -30.43
N LYS C 34 -10.37 4.44 -30.95
CA LYS C 34 -9.14 4.21 -30.20
C LYS C 34 -9.03 5.15 -29.01
N PHE C 35 -9.32 6.44 -29.23
CA PHE C 35 -9.27 7.39 -28.12
C PHE C 35 -10.41 7.16 -27.14
N LEU C 36 -11.58 6.74 -27.62
CA LEU C 36 -12.68 6.40 -26.72
C LEU C 36 -12.28 5.27 -25.78
N ASN C 37 -11.65 4.22 -26.32
CA ASN C 37 -11.19 3.13 -25.47
C ASN C 37 -10.22 3.61 -24.41
N ILE C 38 -9.40 4.60 -24.73
CA ILE C 38 -8.47 5.16 -23.74
C ILE C 38 -9.25 5.82 -22.62
N LEU C 39 -10.29 6.60 -22.97
CA LEU C 39 -11.11 7.21 -21.94
C LEU C 39 -11.76 6.17 -21.05
N ASP C 40 -12.23 5.06 -21.65
CA ASP C 40 -12.78 3.97 -20.85
C ASP C 40 -11.76 3.43 -19.86
N GLN C 41 -10.52 3.22 -20.33
CA GLN C 41 -9.50 2.63 -19.48
C GLN C 41 -9.14 3.55 -18.32
N VAL C 42 -9.04 4.85 -18.58
CA VAL C 42 -8.65 5.79 -17.53
C VAL C 42 -9.71 5.83 -16.43
N CYS C 43 -10.98 5.90 -16.81
CA CYS C 43 -12.05 5.95 -15.82
C CYS C 43 -12.06 4.69 -14.96
N ILE C 44 -11.83 3.53 -15.57
CA ILE C 44 -11.82 2.29 -14.81
C ILE C 44 -10.57 2.20 -13.96
N GLN C 45 -9.45 2.77 -14.43
CA GLN C 45 -8.24 2.76 -13.63
C GLN C 45 -8.39 3.64 -12.40
N CYS C 46 -9.15 4.74 -12.51
CA CYS C 46 -9.44 5.54 -11.32
C CYS C 46 -10.07 4.70 -10.22
N TYR C 47 -10.92 3.75 -10.60
CA TYR C 47 -11.54 2.85 -9.63
C TYR C 47 -10.55 1.80 -9.15
N LYS C 48 -9.86 1.13 -10.07
CA LYS C 48 -8.96 0.04 -9.68
C LYS C 48 -7.78 0.55 -8.87
N ASP C 49 -7.24 1.71 -9.22
CA ASP C 49 -6.03 2.20 -8.56
C ASP C 49 -6.30 2.67 -7.14
N PHE C 50 -7.48 3.22 -6.86
CA PHE C 50 -7.70 3.94 -5.62
C PHE C 50 -8.77 3.38 -4.72
N SER C 51 -9.52 2.37 -5.15
CA SER C 51 -10.49 1.79 -4.24
C SER C 51 -9.79 0.89 -3.22
N PRO C 52 -10.34 0.77 -2.02
CA PRO C 52 -9.68 -0.06 -1.00
C PRO C 52 -9.78 -1.54 -1.33
N THR C 53 -8.79 -2.29 -0.85
CA THR C 53 -8.88 -3.74 -0.85
C THR C 53 -9.89 -4.21 0.18
N ILE C 54 -10.29 -5.48 0.08
CA ILE C 54 -11.19 -6.05 1.08
C ILE C 54 -10.53 -6.06 2.45
N ILE C 55 -9.21 -6.23 2.51
CA ILE C 55 -8.50 -6.21 3.79
C ILE C 55 -8.51 -4.80 4.37
N GLU C 56 -8.33 -3.79 3.52
CA GLU C 56 -8.37 -2.41 3.99
C GLU C 56 -9.77 -2.03 4.46
N ASP C 57 -10.81 -2.57 3.82
CA ASP C 57 -12.17 -2.34 4.30
C ASP C 57 -12.38 -2.94 5.68
N GLN C 58 -11.95 -4.19 5.86
CA GLN C 58 -12.09 -4.84 7.16
C GLN C 58 -11.32 -4.10 8.23
N ALA C 59 -10.15 -3.54 7.88
CA ALA C 59 -9.37 -2.77 8.85
C ALA C 59 -10.16 -1.58 9.37
N ARG C 60 -10.93 -0.92 8.52
CA ARG C 60 -11.74 0.22 8.96
C ARG C 60 -12.79 -0.22 9.97
N GLU C 61 -13.43 -1.38 9.74
CA GLU C 61 -14.37 -1.90 10.72
C GLU C 61 -13.68 -2.24 12.02
N HIS C 62 -12.45 -2.77 11.93
CA HIS C 62 -11.66 -3.08 13.11
C HIS C 62 -11.39 -1.83 13.95
N ILE C 63 -11.05 -0.72 13.28
CA ILE C 63 -10.80 0.54 13.98
C ILE C 63 -12.05 1.00 14.70
N ARG C 64 -13.19 1.03 14.00
CA ARG C 64 -14.45 1.40 14.61
C ARG C 64 -14.71 0.60 15.88
N GLN C 65 -14.47 -0.70 15.83
CA GLN C 65 -14.78 -1.56 16.99
C GLN C 65 -13.92 -1.18 18.19
N ASN C 66 -12.62 -0.99 17.97
CA ASN C 66 -11.72 -0.74 19.08
C ASN C 66 -11.88 0.67 19.65
N LEU C 67 -12.23 1.64 18.80
CA LEU C 67 -12.57 2.96 19.32
C LEU C 67 -13.84 2.91 20.16
N GLU C 68 -14.80 2.09 19.73
CA GLU C 68 -16.06 1.97 20.46
C GLU C 68 -15.83 1.45 21.86
N SER C 69 -14.97 0.43 22.00
CA SER C 69 -14.67 -0.12 23.32
C SER C 69 -13.96 0.91 24.19
N PHE C 70 -13.01 1.65 23.60
CA PHE C 70 -12.24 2.63 24.38
C PHE C 70 -13.13 3.76 24.88
N ILE C 71 -13.98 4.29 23.99
CA ILE C 71 -14.84 5.41 24.38
C ILE C 71 -15.88 4.96 25.41
N ARG C 72 -16.23 3.68 25.42
CA ARG C 72 -17.24 3.19 26.34
C ARG C 72 -16.81 3.31 27.80
N GLN C 73 -15.50 3.44 28.07
CA GLN C 73 -15.06 3.64 29.45
C GLN C 73 -15.62 4.92 30.04
N ASP C 74 -15.73 5.97 29.22
CA ASP C 74 -16.20 7.28 29.68
C ASP C 74 -17.63 7.58 29.26
N PHE C 75 -18.09 7.00 28.15
CA PHE C 75 -19.45 7.22 27.63
C PHE C 75 -20.10 5.84 27.50
N PRO C 76 -20.54 5.25 28.60
CA PRO C 76 -21.12 3.89 28.52
C PRO C 76 -22.31 3.84 27.59
N GLY C 77 -22.43 2.73 26.86
CA GLY C 77 -23.46 2.60 25.86
C GLY C 77 -23.14 3.23 24.52
N THR C 78 -21.93 3.76 24.35
CA THR C 78 -21.54 4.34 23.07
C THR C 78 -21.67 3.33 21.95
N LYS C 79 -22.32 3.75 20.87
CA LYS C 79 -22.36 3.01 19.62
C LYS C 79 -21.72 3.86 18.55
N LEU C 80 -20.72 3.30 17.86
CA LEU C 80 -20.07 3.96 16.75
C LEU C 80 -20.53 3.30 15.45
N SER C 81 -20.88 4.13 14.47
CA SER C 81 -21.32 3.66 13.16
C SER C 81 -20.53 4.39 12.10
N LEU C 82 -19.99 3.63 11.15
CA LEU C 82 -19.30 4.24 10.02
C LEU C 82 -20.32 4.78 9.02
N PHE C 83 -19.98 5.92 8.42
CA PHE C 83 -20.75 6.46 7.30
C PHE C 83 -19.77 7.09 6.33
N GLY C 84 -20.29 7.84 5.37
CA GLY C 84 -19.41 8.44 4.39
C GLY C 84 -18.89 7.40 3.40
N SER C 85 -17.74 7.74 2.80
CA SER C 85 -17.20 6.95 1.70
C SER C 85 -16.70 5.58 2.15
N SER C 86 -16.55 5.35 3.45
CA SER C 86 -16.26 4.01 3.93
C SER C 86 -17.43 3.07 3.67
N LYS C 87 -18.63 3.60 3.44
CA LYS C 87 -19.82 2.77 3.32
C LYS C 87 -20.71 3.10 2.13
N ASN C 88 -20.50 4.21 1.43
CA ASN C 88 -21.36 4.57 0.32
C ASN C 88 -20.88 3.99 -1.00
N GLY C 89 -19.79 3.23 -1.01
CA GLY C 89 -19.31 2.59 -2.22
C GLY C 89 -18.35 3.41 -3.05
N PHE C 90 -17.89 4.55 -2.55
CA PHE C 90 -17.04 5.48 -3.31
C PHE C 90 -15.79 5.87 -2.54
N GLY C 91 -15.28 4.98 -1.68
CA GLY C 91 -14.14 5.33 -0.86
C GLY C 91 -12.80 5.14 -1.56
N PHE C 92 -11.84 5.98 -1.18
CA PHE C 92 -10.44 5.81 -1.56
C PHE C 92 -9.66 5.16 -0.42
N LYS C 93 -8.52 4.57 -0.78
CA LYS C 93 -7.70 3.91 0.23
C LYS C 93 -7.39 4.82 1.41
N GLN C 94 -7.07 6.09 1.13
CA GLN C 94 -6.67 7.04 2.17
C GLN C 94 -7.77 8.03 2.52
N SER C 95 -9.03 7.73 2.18
CA SER C 95 -10.13 8.58 2.62
C SER C 95 -10.20 8.56 4.15
N ASP C 96 -10.74 9.65 4.70
CA ASP C 96 -10.91 9.72 6.14
C ASP C 96 -11.94 8.70 6.59
N LEU C 97 -12.00 8.49 7.90
CA LEU C 97 -12.93 7.55 8.53
C LEU C 97 -14.01 8.37 9.20
N ASP C 98 -15.19 8.41 8.58
CA ASP C 98 -16.31 9.17 9.10
C ASP C 98 -17.11 8.29 10.06
N VAL C 99 -17.24 8.74 11.31
CA VAL C 99 -17.80 7.94 12.39
C VAL C 99 -18.94 8.72 13.03
N CYS C 100 -20.07 8.06 13.23
CA CYS C 100 -21.22 8.63 13.91
C CYS C 100 -21.33 8.01 15.30
N MET C 101 -21.30 8.85 16.32
CA MET C 101 -21.36 8.40 17.71
C MET C 101 -22.74 8.68 18.29
N THR C 102 -23.30 7.68 18.97
CA THR C 102 -24.49 7.84 19.78
C THR C 102 -24.22 7.19 21.12
N ILE C 103 -25.11 7.42 22.08
CA ILE C 103 -24.91 6.91 23.43
C ILE C 103 -26.19 6.19 23.83
N ASN C 104 -26.18 4.85 23.78
CA ASN C 104 -27.33 4.07 24.22
C ASN C 104 -27.56 4.15 25.72
N GLY C 105 -26.58 4.64 26.48
CA GLY C 105 -26.72 4.76 27.92
C GLY C 105 -27.57 5.94 28.35
N LEU C 106 -27.97 6.78 27.40
CA LEU C 106 -28.89 7.88 27.64
C LEU C 106 -30.28 7.49 27.16
N GLU C 107 -31.29 7.81 27.96
CA GLU C 107 -32.67 7.55 27.54
C GLU C 107 -32.99 8.29 26.26
N THR C 108 -32.61 9.56 26.17
CA THR C 108 -32.84 10.37 24.97
C THR C 108 -31.63 11.26 24.73
N ALA C 109 -31.46 11.66 23.48
CA ALA C 109 -30.41 12.62 23.11
C ALA C 109 -30.86 14.06 23.32
N GLU C 110 -31.59 14.32 24.39
CA GLU C 110 -32.15 15.64 24.64
C GLU C 110 -32.07 15.96 26.12
N GLY C 111 -31.66 17.17 26.51
CA GLY C 111 -31.03 18.15 25.67
C GLY C 111 -29.54 17.96 25.79
N LEU C 112 -28.93 17.26 24.84
CA LEU C 112 -27.52 16.94 24.96
C LEU C 112 -26.69 18.13 24.54
N ASP C 113 -25.75 18.52 25.41
CA ASP C 113 -24.82 19.59 25.12
C ASP C 113 -23.74 19.04 24.21
N CYS C 114 -23.90 19.26 22.90
CA CYS C 114 -23.05 18.61 21.92
C CYS C 114 -21.63 19.15 21.98
N VAL C 115 -21.49 20.47 22.14
CA VAL C 115 -20.16 21.06 22.24
C VAL C 115 -19.43 20.54 23.47
N ARG C 116 -20.12 20.45 24.60
CA ARG C 116 -19.49 19.94 25.81
C ARG C 116 -19.09 18.47 25.65
N THR C 117 -19.92 17.68 24.98
CA THR C 117 -19.57 16.28 24.73
C THR C 117 -18.38 16.18 23.79
N ILE C 118 -18.33 17.02 22.77
CA ILE C 118 -17.20 17.00 21.84
C ILE C 118 -15.90 17.29 22.58
N GLU C 119 -15.94 18.24 23.51
CA GLU C 119 -14.73 18.59 24.25
C GLU C 119 -14.33 17.48 25.21
N GLU C 120 -15.30 16.89 25.91
CA GLU C 120 -15.01 15.78 26.81
C GLU C 120 -14.49 14.57 26.03
N LEU C 121 -15.07 14.32 24.85
CA LEU C 121 -14.60 13.22 24.02
C LEU C 121 -13.16 13.47 23.57
N ALA C 122 -12.84 14.72 23.21
CA ALA C 122 -11.47 15.04 22.81
C ALA C 122 -10.50 14.77 23.95
N ARG C 123 -10.88 15.14 25.18
CA ARG C 123 -10.02 14.87 26.32
C ARG C 123 -9.79 13.38 26.50
N VAL C 124 -10.85 12.58 26.34
CA VAL C 124 -10.72 11.13 26.48
C VAL C 124 -9.78 10.57 25.42
N LEU C 125 -9.93 11.02 24.17
CA LEU C 125 -9.13 10.46 23.08
C LEU C 125 -7.66 10.84 23.18
N ARG C 126 -7.33 11.94 23.87
CA ARG C 126 -5.93 12.29 24.05
C ARG C 126 -5.21 11.29 24.94
N LYS C 127 -5.95 10.48 25.69
CA LYS C 127 -5.37 9.44 26.53
C LYS C 127 -5.16 8.14 25.76
N HIS C 128 -5.52 8.09 24.48
CA HIS C 128 -5.41 6.88 23.67
C HIS C 128 -4.02 6.84 23.05
N SER C 129 -3.22 5.84 23.45
CA SER C 129 -1.82 5.79 23.07
C SER C 129 -1.62 5.55 21.58
N GLY C 130 -2.65 5.10 20.87
CA GLY C 130 -2.57 4.85 19.44
C GLY C 130 -3.06 5.99 18.57
N LEU C 131 -3.39 7.14 19.14
CA LEU C 131 -3.91 8.27 18.39
C LEU C 131 -2.98 9.46 18.54
N ARG C 132 -3.11 10.40 17.60
CA ARG C 132 -2.31 11.62 17.60
C ARG C 132 -3.14 12.75 17.04
N ASN C 133 -2.79 13.97 17.45
CA ASN C 133 -3.36 15.19 16.88
C ASN C 133 -4.88 15.25 17.08
N ILE C 134 -5.29 15.13 18.34
CA ILE C 134 -6.70 15.29 18.70
C ILE C 134 -7.08 16.75 18.52
N LEU C 135 -8.14 16.99 17.75
CA LEU C 135 -8.55 18.36 17.48
C LEU C 135 -10.07 18.46 17.51
N PRO C 136 -10.67 19.06 18.53
CA PRO C 136 -12.12 19.28 18.51
C PRO C 136 -12.47 20.53 17.73
N ILE C 137 -13.48 20.40 16.87
CA ILE C 137 -13.96 21.51 16.04
C ILE C 137 -15.43 21.70 16.41
N THR C 138 -15.69 22.52 17.42
CA THR C 138 -17.02 22.70 17.96
C THR C 138 -17.82 23.81 17.26
N THR C 139 -17.17 24.66 16.48
CA THR C 139 -17.85 25.79 15.85
C THR C 139 -18.39 25.46 14.47
N ALA C 140 -18.06 24.30 13.91
CA ALA C 140 -18.56 23.95 12.59
C ALA C 140 -20.05 23.61 12.67
N LYS C 141 -20.71 23.74 11.52
CA LYS C 141 -22.13 23.36 11.44
C LYS C 141 -22.33 21.95 11.97
N VAL C 142 -21.45 21.03 11.61
CA VAL C 142 -21.43 19.68 12.19
C VAL C 142 -20.22 19.60 13.12
N PRO C 143 -20.39 19.82 14.42
CA PRO C 143 -19.23 19.72 15.32
C PRO C 143 -18.64 18.31 15.31
N ILE C 144 -17.32 18.25 15.26
CA ILE C 144 -16.59 16.98 15.21
C ILE C 144 -15.38 17.05 16.13
N VAL C 145 -14.84 15.89 16.44
CA VAL C 145 -13.49 15.74 16.97
C VAL C 145 -12.74 14.84 16.00
N LYS C 146 -11.69 15.36 15.39
CA LYS C 146 -10.90 14.59 14.45
C LYS C 146 -9.52 14.31 15.01
N PHE C 147 -8.89 13.26 14.48
CA PHE C 147 -7.59 12.83 14.97
C PHE C 147 -6.98 11.89 13.94
N PHE C 148 -5.72 11.54 14.20
CA PHE C 148 -4.93 10.70 13.31
C PHE C 148 -4.74 9.33 13.96
N HIS C 149 -5.07 8.28 13.23
CA HIS C 149 -4.91 6.92 13.73
C HIS C 149 -3.54 6.40 13.30
N LEU C 150 -2.68 6.13 14.28
CA LEU C 150 -1.28 5.86 13.99
C LEU C 150 -1.13 4.61 13.14
N ARG C 151 -1.73 3.50 13.58
CA ARG C 151 -1.48 2.20 12.95
C ARG C 151 -2.01 2.14 11.53
N SER C 152 -3.12 2.82 11.23
CA SER C 152 -3.68 2.82 9.89
C SER C 152 -3.25 4.01 9.05
N GLY C 153 -2.75 5.08 9.66
CA GLY C 153 -2.42 6.27 8.92
C GLY C 153 -3.63 7.02 8.40
N LEU C 154 -4.82 6.74 8.92
CA LEU C 154 -6.05 7.35 8.47
C LEU C 154 -6.46 8.50 9.40
N GLU C 155 -7.11 9.50 8.82
CA GLU C 155 -7.78 10.54 9.58
C GLU C 155 -9.18 10.08 9.95
N VAL C 156 -9.57 10.33 11.20
CA VAL C 156 -10.87 9.93 11.72
C VAL C 156 -11.63 11.17 12.14
N ASP C 157 -12.92 11.20 11.82
CA ASP C 157 -13.82 12.31 12.16
C ASP C 157 -15.04 11.74 12.86
N ILE C 158 -15.21 12.08 14.14
CA ILE C 158 -16.35 11.61 14.93
C ILE C 158 -17.34 12.75 15.09
N SER C 159 -18.61 12.48 14.78
CA SER C 159 -19.70 13.42 14.98
C SER C 159 -20.75 12.78 15.88
N LEU C 160 -21.64 13.61 16.40
CA LEU C 160 -22.63 13.18 17.38
C LEU C 160 -24.01 13.14 16.74
N TYR C 161 -24.69 11.99 16.88
CA TYR C 161 -26.07 11.83 16.45
C TYR C 161 -26.29 12.40 15.06
N ASN C 162 -25.40 12.01 14.14
CA ASN C 162 -25.45 12.44 12.74
C ASN C 162 -26.41 11.53 11.96
N THR C 163 -27.70 11.64 12.30
CA THR C 163 -28.67 10.66 11.86
C THR C 163 -28.85 10.67 10.35
N LEU C 164 -29.00 11.85 9.75
CA LEU C 164 -29.24 11.92 8.31
C LEU C 164 -28.02 11.46 7.50
N ALA C 165 -26.81 11.67 8.01
CA ALA C 165 -25.62 11.24 7.27
C ALA C 165 -25.63 9.73 7.06
N LEU C 166 -26.13 8.97 8.03
CA LEU C 166 -26.23 7.52 7.87
C LEU C 166 -27.16 7.15 6.71
N HIS C 167 -28.22 7.92 6.50
CA HIS C 167 -29.21 7.57 5.49
C HIS C 167 -28.76 7.96 4.09
N ASN C 168 -28.14 9.13 3.92
CA ASN C 168 -27.63 9.45 2.58
C ASN C 168 -26.44 8.57 2.23
N THR C 169 -25.74 8.02 3.24
CA THR C 169 -24.75 6.99 2.98
C THR C 169 -25.42 5.75 2.38
N ARG C 170 -26.50 5.30 3.01
CA ARG C 170 -27.26 4.16 2.46
C ARG C 170 -27.78 4.49 1.07
N LEU C 171 -28.27 5.71 0.87
CA LEU C 171 -28.79 6.11 -0.44
C LEU C 171 -27.72 5.99 -1.52
N LEU C 172 -26.55 6.60 -1.28
CA LEU C 172 -25.47 6.55 -2.26
C LEU C 172 -24.99 5.12 -2.48
N SER C 173 -24.97 4.31 -1.42
CA SER C 173 -24.57 2.91 -1.56
C SER C 173 -25.51 2.17 -2.51
N ALA C 174 -26.81 2.41 -2.40
CA ALA C 174 -27.76 1.80 -3.30
C ALA C 174 -27.47 2.19 -4.76
N TYR C 175 -27.21 3.48 -4.99
CA TYR C 175 -26.89 3.92 -6.34
C TYR C 175 -25.63 3.23 -6.87
N SER C 176 -24.61 3.07 -6.01
CA SER C 176 -23.35 2.47 -6.44
C SER C 176 -23.53 1.04 -6.92
N ALA C 177 -24.58 0.35 -6.49
CA ALA C 177 -24.80 -1.05 -6.84
C ALA C 177 -25.65 -1.24 -8.10
N ILE C 178 -26.29 -0.18 -8.60
CA ILE C 178 -27.18 -0.33 -9.76
C ILE C 178 -26.39 -0.71 -11.00
N ASP C 179 -25.23 -0.08 -11.20
CA ASP C 179 -24.48 -0.25 -12.44
C ASP C 179 -23.01 0.06 -12.17
N PRO C 180 -22.08 -0.77 -12.64
CA PRO C 180 -20.65 -0.48 -12.38
C PRO C 180 -20.21 0.89 -12.87
N ARG C 181 -20.85 1.43 -13.90
CA ARG C 181 -20.45 2.73 -14.42
C ARG C 181 -20.66 3.83 -13.38
N VAL C 182 -21.61 3.65 -12.46
CA VAL C 182 -21.81 4.62 -11.39
C VAL C 182 -20.54 4.75 -10.55
N LYS C 183 -19.98 3.61 -10.15
CA LYS C 183 -18.75 3.62 -9.36
C LYS C 183 -17.59 4.20 -10.15
N TYR C 184 -17.38 3.72 -11.38
CA TYR C 184 -16.25 4.20 -12.18
C TYR C 184 -16.28 5.72 -12.32
N LEU C 185 -17.47 6.28 -12.57
CA LEU C 185 -17.56 7.72 -12.80
C LEU C 185 -17.38 8.51 -11.52
N CYS C 186 -17.97 8.03 -10.41
CA CYS C 186 -17.78 8.72 -9.14
C CYS C 186 -16.34 8.70 -8.71
N TYR C 187 -15.62 7.60 -8.97
CA TYR C 187 -14.19 7.54 -8.69
C TYR C 187 -13.42 8.50 -9.58
N THR C 188 -13.77 8.54 -10.87
CA THR C 188 -13.11 9.47 -11.78
C THR C 188 -13.34 10.91 -11.35
N MET C 189 -14.57 11.24 -10.97
CA MET C 189 -14.86 12.60 -10.48
C MET C 189 -14.04 12.90 -9.24
N LYS C 190 -13.91 11.93 -8.34
CA LYS C 190 -13.18 12.14 -7.10
C LYS C 190 -11.70 12.35 -7.37
N VAL C 191 -11.13 11.59 -8.33
CA VAL C 191 -9.75 11.82 -8.74
C VAL C 191 -9.61 13.20 -9.37
N PHE C 192 -10.52 13.55 -10.28
CA PHE C 192 -10.43 14.82 -10.98
C PHE C 192 -10.42 15.99 -10.01
N THR C 193 -11.40 16.05 -9.12
CA THR C 193 -11.49 17.16 -8.18
C THR C 193 -10.37 17.13 -7.15
N LYS C 194 -9.88 15.94 -6.79
CA LYS C 194 -8.74 15.86 -5.88
C LYS C 194 -7.49 16.45 -6.51
N MET C 195 -7.23 16.11 -7.78
CA MET C 195 -6.03 16.61 -8.44
C MET C 195 -6.09 18.11 -8.67
N CYS C 196 -7.28 18.67 -8.84
CA CYS C 196 -7.44 20.11 -8.99
C CYS C 196 -7.54 20.85 -7.65
N ASP C 197 -7.63 20.12 -6.55
CA ASP C 197 -7.66 20.72 -5.22
C ASP C 197 -8.89 21.63 -5.04
N ILE C 198 -10.06 21.11 -5.43
CA ILE C 198 -11.30 21.85 -5.33
C ILE C 198 -12.32 21.00 -4.58
N GLY C 199 -11.83 20.03 -3.81
CA GLY C 199 -12.70 19.11 -3.11
C GLY C 199 -12.51 19.11 -1.60
N ASP C 200 -12.30 20.29 -1.02
CA ASP C 200 -12.11 20.42 0.42
C ASP C 200 -12.95 21.62 0.91
N ALA C 201 -14.12 21.31 1.47
CA ALA C 201 -14.99 22.36 2.00
C ALA C 201 -14.35 23.10 3.16
N SER C 202 -13.46 22.43 3.92
CA SER C 202 -12.77 23.10 5.00
C SER C 202 -11.75 24.11 4.52
N ARG C 203 -11.49 24.18 3.20
CA ARG C 203 -10.63 25.20 2.62
C ARG C 203 -11.37 26.04 1.58
N GLY C 204 -12.70 26.04 1.62
CA GLY C 204 -13.49 26.92 0.78
C GLY C 204 -14.04 26.29 -0.48
N SER C 205 -13.64 25.06 -0.82
CA SER C 205 -14.14 24.42 -2.02
C SER C 205 -15.39 23.62 -1.68
N LEU C 206 -15.73 22.63 -2.50
CA LEU C 206 -16.93 21.82 -2.29
C LEU C 206 -16.55 20.50 -1.64
N SER C 207 -17.47 19.96 -0.85
CA SER C 207 -17.28 18.63 -0.28
C SER C 207 -17.30 17.59 -1.40
N SER C 208 -16.49 16.54 -1.23
CA SER C 208 -16.51 15.45 -2.19
C SER C 208 -17.88 14.80 -2.25
N TYR C 209 -18.65 14.87 -1.16
CA TYR C 209 -20.03 14.42 -1.19
C TYR C 209 -20.87 15.24 -2.14
N ALA C 210 -20.57 16.54 -2.28
CA ALA C 210 -21.27 17.38 -3.24
C ALA C 210 -20.95 16.96 -4.67
N TYR C 211 -19.70 16.63 -4.95
CA TYR C 211 -19.34 16.20 -6.29
C TYR C 211 -19.96 14.86 -6.64
N THR C 212 -20.08 13.96 -5.66
CA THR C 212 -20.78 12.70 -5.91
C THR C 212 -22.22 12.96 -6.33
N LEU C 213 -22.89 13.90 -5.67
CA LEU C 213 -24.26 14.24 -6.05
C LEU C 213 -24.31 14.78 -7.48
N MET C 214 -23.29 15.54 -7.89
CA MET C 214 -23.26 16.05 -9.25
C MET C 214 -23.17 14.91 -10.26
N VAL C 215 -22.40 13.87 -9.93
CA VAL C 215 -22.31 12.71 -10.81
C VAL C 215 -23.67 12.03 -10.92
N LEU C 216 -24.29 11.76 -9.77
CA LEU C 216 -25.58 11.06 -9.78
C LEU C 216 -26.63 11.88 -10.53
N TYR C 217 -26.67 13.19 -10.33
CA TYR C 217 -27.65 14.02 -11.02
C TYR C 217 -27.45 13.96 -12.52
N PHE C 218 -26.20 14.01 -12.98
CA PHE C 218 -25.93 13.88 -14.41
C PHE C 218 -26.44 12.54 -14.94
N LEU C 219 -26.20 11.45 -14.19
CA LEU C 219 -26.63 10.14 -14.63
C LEU C 219 -28.15 9.98 -14.57
N GLN C 220 -28.82 10.73 -13.69
CA GLN C 220 -30.28 10.68 -13.63
C GLN C 220 -30.90 11.43 -14.80
N GLN C 221 -30.31 12.56 -15.18
CA GLN C 221 -30.85 13.39 -16.25
C GLN C 221 -30.41 12.94 -17.64
N ARG C 222 -29.46 12.01 -17.72
CA ARG C 222 -29.01 11.54 -19.03
C ARG C 222 -30.16 10.93 -19.82
N ASN C 223 -30.08 11.05 -21.14
CA ASN C 223 -31.08 10.48 -22.03
C ASN C 223 -30.48 9.36 -22.90
N PRO C 224 -30.81 8.09 -22.61
CA PRO C 224 -31.63 7.60 -21.50
C PRO C 224 -30.86 7.59 -20.19
N PRO C 225 -31.56 7.56 -19.06
CA PRO C 225 -30.89 7.63 -17.76
C PRO C 225 -30.09 6.37 -17.47
N VAL C 226 -28.95 6.55 -16.80
CA VAL C 226 -28.16 5.42 -16.33
C VAL C 226 -28.68 4.92 -14.98
N ILE C 227 -29.25 5.83 -14.18
CA ILE C 227 -29.84 5.45 -12.90
C ILE C 227 -31.18 6.14 -12.75
N PRO C 228 -32.07 5.58 -11.95
CA PRO C 228 -33.35 6.24 -11.69
C PRO C 228 -33.25 7.21 -10.53
N VAL C 229 -34.39 7.75 -10.09
CA VAL C 229 -34.48 8.53 -8.87
C VAL C 229 -35.09 7.60 -7.83
N LEU C 230 -34.24 7.02 -6.98
CA LEU C 230 -34.71 6.02 -6.03
C LEU C 230 -35.74 6.58 -5.07
N GLN C 231 -35.66 7.88 -4.77
CA GLN C 231 -36.65 8.50 -3.89
C GLN C 231 -38.00 8.67 -4.56
N GLU C 232 -38.12 8.37 -5.86
CA GLU C 232 -39.40 8.45 -6.55
C GLU C 232 -39.87 7.10 -7.07
N ILE C 233 -39.22 6.01 -6.67
CA ILE C 233 -39.63 4.65 -7.03
C ILE C 233 -40.22 4.00 -5.78
N TYR C 234 -41.40 3.40 -5.94
CA TYR C 234 -42.09 2.77 -4.83
C TYR C 234 -43.26 1.95 -5.38
N LYS C 235 -43.69 0.98 -4.58
CA LYS C 235 -44.94 0.29 -4.87
C LYS C 235 -46.10 1.23 -4.58
N GLY C 236 -46.95 1.46 -5.57
CA GLY C 236 -47.99 2.48 -5.49
C GLY C 236 -48.86 2.38 -4.25
N GLU C 237 -49.75 3.35 -4.04
CA GLU C 237 -49.96 4.47 -4.97
C GLU C 237 -49.13 5.68 -4.58
N LYS C 238 -49.03 5.94 -3.28
CA LYS C 238 -48.34 7.12 -2.78
C LYS C 238 -46.93 6.76 -2.32
N LYS C 239 -46.06 7.77 -2.29
CA LYS C 239 -44.71 7.58 -1.79
C LYS C 239 -44.74 7.30 -0.29
N PRO C 240 -44.04 6.27 0.19
CA PRO C 240 -43.99 6.05 1.64
C PRO C 240 -43.42 7.27 2.36
N GLU C 241 -43.91 7.49 3.58
CA GLU C 241 -43.51 8.64 4.39
C GLU C 241 -42.80 8.14 5.65
N ILE C 242 -41.48 8.22 5.66
CA ILE C 242 -40.66 7.90 6.82
C ILE C 242 -39.94 9.18 7.19
N PHE C 243 -40.43 9.88 8.20
CA PHE C 243 -39.92 11.20 8.55
C PHE C 243 -38.96 11.10 9.72
N VAL C 244 -37.72 11.56 9.49
CA VAL C 244 -36.65 11.53 10.48
C VAL C 244 -36.04 12.93 10.51
N ASP C 245 -36.02 13.54 11.69
CA ASP C 245 -35.50 14.90 11.86
C ASP C 245 -36.20 15.87 10.90
N GLY C 246 -37.47 15.61 10.61
CA GLY C 246 -38.28 16.52 9.83
C GLY C 246 -38.23 16.29 8.33
N TRP C 247 -37.56 15.25 7.86
CA TRP C 247 -37.38 15.03 6.44
C TRP C 247 -37.76 13.59 6.09
N ASN C 248 -38.38 13.43 4.92
CA ASN C 248 -38.72 12.10 4.43
C ASN C 248 -37.45 11.44 3.90
N ILE C 249 -37.05 10.34 4.53
CA ILE C 249 -35.82 9.66 4.17
C ILE C 249 -36.08 8.37 3.39
N TYR C 250 -37.30 8.16 2.92
CA TYR C 250 -37.58 6.95 2.16
C TYR C 250 -36.84 6.95 0.83
N PHE C 251 -36.41 5.76 0.42
CA PHE C 251 -35.95 5.55 -0.94
C PHE C 251 -35.96 4.05 -1.24
N PHE C 252 -36.08 3.72 -2.52
CA PHE C 252 -36.11 2.34 -2.96
C PHE C 252 -34.71 1.75 -2.89
N ASP C 253 -34.52 0.71 -2.08
CA ASP C 253 -33.21 0.12 -1.87
C ASP C 253 -33.16 -1.37 -2.20
N GLN C 254 -34.22 -1.94 -2.76
CA GLN C 254 -34.21 -3.32 -3.23
C GLN C 254 -33.74 -3.36 -4.68
N ILE C 255 -32.42 -3.17 -4.85
CA ILE C 255 -31.85 -3.01 -6.18
C ILE C 255 -32.02 -4.27 -7.01
N ASP C 256 -32.03 -5.44 -6.37
CA ASP C 256 -32.22 -6.68 -7.10
C ASP C 256 -33.57 -6.72 -7.80
N GLU C 257 -34.56 -6.02 -7.27
CA GLU C 257 -35.89 -5.95 -7.88
C GLU C 257 -36.08 -4.71 -8.74
N LEU C 258 -35.01 -3.97 -9.03
CA LEU C 258 -35.15 -2.72 -9.75
C LEU C 258 -35.69 -2.89 -11.17
N PRO C 259 -35.29 -3.91 -11.95
CA PRO C 259 -35.85 -4.04 -13.30
C PRO C 259 -37.37 -4.11 -13.32
N THR C 260 -38.00 -4.58 -12.25
CA THR C 260 -39.46 -4.66 -12.22
C THR C 260 -40.08 -3.28 -12.09
N TYR C 261 -39.48 -2.40 -11.28
CA TYR C 261 -40.07 -1.10 -10.97
C TYR C 261 -39.43 0.06 -11.71
N TRP C 262 -38.42 -0.20 -12.53
CA TRP C 262 -37.78 0.84 -13.34
C TRP C 262 -37.88 0.43 -14.81
N SER C 263 -38.73 1.15 -15.56
CA SER C 263 -38.97 0.80 -16.96
C SER C 263 -37.73 1.03 -17.82
N GLU C 264 -36.99 2.10 -17.55
CA GLU C 264 -35.83 2.46 -18.36
C GLU C 264 -34.57 1.72 -17.95
N CYS C 265 -34.69 0.55 -17.32
CA CYS C 265 -33.54 -0.17 -16.80
C CYS C 265 -32.68 -0.72 -17.95
N GLY C 266 -31.39 -0.41 -17.89
CA GLY C 266 -30.43 -0.99 -18.82
C GLY C 266 -30.53 -0.51 -20.25
N LYS C 267 -31.24 0.60 -20.50
CA LYS C 267 -31.37 1.12 -21.86
C LYS C 267 -30.21 2.00 -22.27
N ASN C 268 -29.51 2.62 -21.33
CA ASN C 268 -28.33 3.42 -21.66
C ASN C 268 -27.12 2.52 -21.80
N THR C 269 -26.48 2.56 -22.97
CA THR C 269 -25.35 1.68 -23.28
C THR C 269 -24.08 2.45 -23.56
N GLU C 270 -24.00 3.71 -23.13
CA GLU C 270 -22.78 4.49 -23.33
C GLU C 270 -21.64 3.90 -22.49
N SER C 271 -20.43 3.96 -23.04
CA SER C 271 -19.26 3.55 -22.29
C SER C 271 -18.96 4.56 -21.18
N VAL C 272 -18.04 4.17 -20.29
CA VAL C 272 -17.69 5.04 -19.16
C VAL C 272 -17.08 6.33 -19.67
N GLY C 273 -16.18 6.23 -20.65
CA GLY C 273 -15.54 7.42 -21.17
C GLY C 273 -16.51 8.38 -21.83
N GLN C 274 -17.45 7.84 -22.61
CA GLN C 274 -18.51 8.68 -23.18
C GLN C 274 -19.24 9.46 -22.10
N LEU C 275 -19.56 8.80 -20.99
CA LEU C 275 -20.32 9.46 -19.94
C LEU C 275 -19.47 10.45 -19.17
N TRP C 276 -18.18 10.16 -18.99
CA TRP C 276 -17.30 11.10 -18.29
C TRP C 276 -17.10 12.37 -19.11
N LEU C 277 -16.82 12.22 -20.40
CA LEU C 277 -16.76 13.40 -21.27
C LEU C 277 -18.13 14.06 -21.35
N GLY C 278 -19.20 13.25 -21.34
CA GLY C 278 -20.54 13.82 -21.34
C GLY C 278 -20.81 14.65 -20.10
N LEU C 279 -20.30 14.19 -18.95
CA LEU C 279 -20.47 14.96 -17.72
C LEU C 279 -19.73 16.29 -17.80
N LEU C 280 -18.47 16.26 -18.24
CA LEU C 280 -17.71 17.49 -18.38
C LEU C 280 -18.41 18.46 -19.33
N ARG C 281 -18.94 17.94 -20.45
CA ARG C 281 -19.68 18.78 -21.38
C ARG C 281 -21.00 19.24 -20.79
N PHE C 282 -21.66 18.37 -20.02
CA PHE C 282 -22.95 18.71 -19.43
C PHE C 282 -22.84 19.93 -18.53
N TYR C 283 -21.86 19.94 -17.62
CA TYR C 283 -21.72 21.03 -16.66
C TYR C 283 -20.96 22.23 -17.20
N THR C 284 -20.45 22.16 -18.43
CA THR C 284 -19.79 23.30 -19.06
C THR C 284 -20.59 23.89 -20.21
N GLU C 285 -21.38 23.08 -20.90
CA GLU C 285 -22.15 23.55 -22.06
C GLU C 285 -23.65 23.65 -21.80
N GLU C 286 -24.24 22.65 -21.13
CA GLU C 286 -25.67 22.46 -21.13
C GLU C 286 -26.34 22.95 -19.85
N PHE C 287 -25.85 22.54 -18.69
CA PHE C 287 -26.56 22.82 -17.44
C PHE C 287 -26.54 24.31 -17.13
N ASP C 288 -27.70 24.84 -16.77
CA ASP C 288 -27.87 26.25 -16.42
C ASP C 288 -27.78 26.39 -14.90
N PHE C 289 -26.61 26.77 -14.41
CA PHE C 289 -26.41 26.86 -12.97
C PHE C 289 -27.27 27.95 -12.34
N LYS C 290 -27.44 29.08 -13.04
CA LYS C 290 -28.20 30.19 -12.49
C LYS C 290 -29.70 29.92 -12.48
N GLU C 291 -30.17 28.88 -13.17
CA GLU C 291 -31.59 28.62 -13.30
C GLU C 291 -32.07 27.39 -12.56
N HIS C 292 -31.23 26.37 -12.41
CA HIS C 292 -31.66 25.07 -11.92
C HIS C 292 -30.79 24.61 -10.76
N VAL C 293 -31.38 23.76 -9.91
CA VAL C 293 -30.72 23.23 -8.73
C VAL C 293 -30.36 21.78 -9.00
N ILE C 294 -29.13 21.41 -8.64
CA ILE C 294 -28.69 20.02 -8.74
C ILE C 294 -29.37 19.25 -7.62
N SER C 295 -30.34 18.42 -7.97
CA SER C 295 -31.23 17.78 -7.00
C SER C 295 -31.49 16.35 -7.45
N ILE C 296 -31.02 15.37 -6.68
CA ILE C 296 -31.15 13.96 -7.06
C ILE C 296 -32.40 13.31 -6.49
N ARG C 297 -33.20 14.04 -5.70
CA ARG C 297 -34.40 13.47 -5.11
C ARG C 297 -35.59 13.48 -6.07
N ARG C 298 -35.50 14.21 -7.17
CA ARG C 298 -36.62 14.32 -8.10
C ARG C 298 -36.08 14.41 -9.51
N LYS C 299 -36.75 13.75 -10.45
CA LYS C 299 -36.35 13.84 -11.85
C LYS C 299 -36.81 15.15 -12.47
N SER C 300 -37.94 15.69 -12.00
CA SER C 300 -38.42 16.96 -12.51
C SER C 300 -37.48 18.08 -12.09
N LEU C 301 -37.15 18.96 -13.04
CA LEU C 301 -36.19 20.02 -12.79
C LEU C 301 -36.63 20.91 -11.63
N LEU C 302 -35.66 21.31 -10.82
CA LEU C 302 -35.89 22.20 -9.68
C LEU C 302 -35.25 23.54 -9.98
N THR C 303 -36.04 24.61 -9.86
CA THR C 303 -35.57 25.94 -10.21
C THR C 303 -34.98 26.64 -9.00
N THR C 304 -33.98 27.46 -9.25
CA THR C 304 -33.39 28.26 -8.18
C THR C 304 -34.42 29.23 -7.59
N PHE C 305 -35.34 29.73 -8.43
CA PHE C 305 -36.35 30.65 -7.94
C PHE C 305 -37.32 29.98 -6.99
N LYS C 306 -37.79 28.79 -7.33
CA LYS C 306 -38.69 28.05 -6.45
C LYS C 306 -38.02 27.81 -5.09
N LYS C 307 -36.74 27.48 -5.10
CA LYS C 307 -36.01 27.24 -3.86
C LYS C 307 -35.55 28.51 -3.17
N GLN C 308 -35.67 29.66 -3.81
CA GLN C 308 -35.17 30.92 -3.26
C GLN C 308 -33.67 30.81 -2.96
N TRP C 309 -32.94 30.16 -3.88
CA TRP C 309 -31.50 29.99 -3.73
C TRP C 309 -30.76 30.68 -4.89
N THR C 310 -31.05 31.96 -5.10
CA THR C 310 -30.44 32.70 -6.20
C THR C 310 -29.13 33.39 -5.80
N SER C 311 -28.72 33.28 -4.54
CA SER C 311 -27.50 33.95 -4.09
C SER C 311 -26.27 33.41 -4.81
N LYS C 312 -26.19 32.09 -4.97
CA LYS C 312 -25.00 31.44 -5.48
C LYS C 312 -25.19 30.99 -6.92
N TYR C 313 -24.07 30.65 -7.56
CA TYR C 313 -24.07 30.11 -8.91
C TYR C 313 -24.23 28.60 -8.89
N ILE C 314 -23.35 27.91 -8.17
CA ILE C 314 -23.44 26.46 -8.03
C ILE C 314 -24.37 26.16 -6.85
N VAL C 315 -25.50 25.51 -7.15
CA VAL C 315 -26.54 25.25 -6.16
C VAL C 315 -26.82 23.76 -6.16
N ILE C 316 -26.53 23.11 -5.03
CA ILE C 316 -26.64 21.66 -4.90
C ILE C 316 -27.48 21.36 -3.66
N GLU C 317 -28.60 20.67 -3.87
CA GLU C 317 -29.54 20.37 -2.81
C GLU C 317 -29.27 18.99 -2.24
N ASP C 318 -29.28 18.87 -0.91
CA ASP C 318 -29.11 17.58 -0.28
C ASP C 318 -30.35 16.71 -0.53
N PRO C 319 -30.18 15.41 -0.76
CA PRO C 319 -31.36 14.57 -1.08
C PRO C 319 -32.38 14.50 0.04
N PHE C 320 -31.98 14.69 1.30
CA PHE C 320 -32.89 14.60 2.43
C PHE C 320 -33.11 15.93 3.14
N ASP C 321 -32.04 16.60 3.54
CA ASP C 321 -32.13 17.90 4.21
C ASP C 321 -32.32 18.96 3.13
N LEU C 322 -33.59 19.23 2.78
CA LEU C 322 -33.88 20.12 1.66
C LEU C 322 -33.52 21.57 1.94
N ASN C 323 -33.18 21.91 3.17
CA ASN C 323 -32.73 23.25 3.50
C ASN C 323 -31.24 23.43 3.35
N HIS C 324 -30.50 22.39 2.95
CA HIS C 324 -29.05 22.43 2.87
C HIS C 324 -28.62 22.61 1.42
N ASN C 325 -28.00 23.75 1.13
CA ASN C 325 -27.37 24.01 -0.16
C ASN C 325 -25.88 23.73 -0.03
N LEU C 326 -25.42 22.64 -0.62
CA LEU C 326 -24.03 22.23 -0.49
C LEU C 326 -23.07 23.29 -1.03
N GLY C 327 -23.54 24.19 -1.90
CA GLY C 327 -22.66 25.20 -2.48
C GLY C 327 -22.80 26.56 -1.83
N ALA C 328 -23.39 26.62 -0.64
CA ALA C 328 -23.65 27.89 0.02
C ALA C 328 -22.40 28.58 0.52
N GLY C 329 -21.26 27.88 0.57
CA GLY C 329 -20.03 28.46 1.06
C GLY C 329 -19.11 29.01 -0.01
N LEU C 330 -19.42 28.72 -1.28
CA LEU C 330 -18.53 29.12 -2.36
C LEU C 330 -18.51 30.63 -2.55
N SER C 331 -17.31 31.19 -2.65
CA SER C 331 -17.15 32.57 -3.07
C SER C 331 -17.27 32.65 -4.59
N ARG C 332 -17.15 33.86 -5.14
CA ARG C 332 -17.16 34.00 -6.59
C ARG C 332 -15.82 33.63 -7.19
N LYS C 333 -14.72 33.83 -6.46
CA LYS C 333 -13.42 33.41 -6.95
C LYS C 333 -13.33 31.88 -7.02
N MET C 334 -13.74 31.20 -5.94
CA MET C 334 -13.69 29.74 -5.94
C MET C 334 -14.60 29.16 -7.02
N THR C 335 -15.74 29.81 -7.28
CA THR C 335 -16.62 29.35 -8.34
C THR C 335 -15.96 29.46 -9.70
N ASN C 336 -15.29 30.58 -9.97
CA ASN C 336 -14.57 30.72 -11.23
C ASN C 336 -13.46 29.69 -11.34
N PHE C 337 -12.71 29.46 -10.26
CA PHE C 337 -11.63 28.48 -10.28
C PHE C 337 -12.15 27.08 -10.59
N ILE C 338 -13.29 26.71 -9.98
CA ILE C 338 -13.86 25.39 -10.22
C ILE C 338 -14.29 25.26 -11.68
N MET C 339 -14.99 26.27 -12.20
CA MET C 339 -15.48 26.20 -13.57
C MET C 339 -14.34 26.10 -14.57
N LYS C 340 -13.23 26.80 -14.29
CA LYS C 340 -12.07 26.72 -15.18
C LYS C 340 -11.49 25.32 -15.18
N ALA C 341 -11.47 24.66 -14.01
CA ALA C 341 -10.98 23.30 -13.95
C ALA C 341 -11.81 22.37 -14.83
N PHE C 342 -13.14 22.48 -14.75
CA PHE C 342 -14.01 21.64 -15.56
C PHE C 342 -13.87 21.95 -17.04
N ILE C 343 -13.73 23.24 -17.39
CA ILE C 343 -13.54 23.60 -18.80
C ILE C 343 -12.24 23.01 -19.31
N ASN C 344 -11.16 23.14 -18.54
CA ASN C 344 -9.88 22.56 -18.95
C ASN C 344 -9.99 21.03 -19.00
N GLY C 345 -10.72 20.44 -18.06
CA GLY C 345 -10.96 19.00 -18.14
C GLY C 345 -11.69 18.61 -19.41
N ARG C 346 -12.68 19.40 -19.81
CA ARG C 346 -13.38 19.15 -21.07
C ARG C 346 -12.42 19.12 -22.24
N ARG C 347 -11.42 20.00 -22.24
CA ARG C 347 -10.50 20.06 -23.37
C ARG C 347 -9.58 18.84 -23.40
N VAL C 348 -9.08 18.42 -22.24
CA VAL C 348 -8.13 17.32 -22.21
C VAL C 348 -8.82 16.00 -22.54
N PHE C 349 -10.00 15.77 -21.98
CA PHE C 349 -10.73 14.53 -22.22
C PHE C 349 -11.51 14.53 -23.52
N GLY C 350 -11.64 15.69 -24.18
CA GLY C 350 -12.49 15.82 -25.35
C GLY C 350 -11.74 15.87 -26.68
N ILE C 351 -10.43 16.08 -26.63
CA ILE C 351 -9.64 16.26 -27.85
C ILE C 351 -8.77 15.03 -28.07
N PRO C 352 -9.16 14.12 -28.97
CA PRO C 352 -8.38 12.89 -29.19
C PRO C 352 -6.99 13.17 -29.73
N VAL C 353 -6.01 12.42 -29.21
CA VAL C 353 -4.64 12.50 -29.71
C VAL C 353 -4.22 11.12 -30.22
N SER C 362 2.53 6.90 -18.82
CA SER C 362 1.38 6.86 -17.93
C SER C 362 0.24 7.73 -18.46
N LYS C 363 -0.90 7.10 -18.78
CA LYS C 363 -2.06 7.85 -19.25
C LYS C 363 -2.68 8.66 -18.12
N MET C 364 -2.65 8.15 -16.89
CA MET C 364 -3.20 8.88 -15.76
C MET C 364 -2.48 10.21 -15.56
N GLU C 365 -1.16 10.21 -15.75
CA GLU C 365 -0.38 11.43 -15.54
C GLU C 365 -0.68 12.47 -16.61
N TYR C 366 -1.10 12.03 -17.80
CA TYR C 366 -1.45 12.97 -18.86
C TYR C 366 -2.80 13.63 -18.61
N PHE C 367 -3.82 12.83 -18.29
CA PHE C 367 -5.19 13.36 -18.19
C PHE C 367 -5.43 14.14 -16.91
N PHE C 368 -4.72 13.82 -15.83
CA PHE C 368 -4.94 14.44 -14.53
C PHE C 368 -3.76 15.34 -14.13
N ASP C 369 -3.17 16.02 -15.10
CA ASP C 369 -2.05 16.93 -14.82
C ASP C 369 -2.58 18.22 -14.21
N PRO C 370 -2.24 18.53 -12.94
CA PRO C 370 -2.78 19.76 -12.33
C PRO C 370 -2.33 21.02 -13.04
N ASP C 371 -1.08 21.04 -13.53
CA ASP C 371 -0.58 22.22 -14.24
C ASP C 371 -1.41 22.53 -15.48
N VAL C 372 -2.08 21.52 -16.04
CA VAL C 372 -2.95 21.73 -17.20
C VAL C 372 -4.36 22.06 -16.78
N LEU C 373 -4.89 21.32 -15.80
CA LEU C 373 -6.30 21.48 -15.43
C LEU C 373 -6.54 22.81 -14.72
N THR C 374 -5.57 23.32 -13.97
CA THR C 374 -5.70 24.58 -13.26
C THR C 374 -4.75 25.66 -13.78
N GLU C 375 -4.04 25.41 -14.88
CA GLU C 375 -3.18 26.40 -15.51
C GLU C 375 -2.12 26.93 -14.53
N GLY C 376 -1.59 26.04 -13.71
CA GLY C 376 -0.54 26.39 -12.77
C GLY C 376 -0.98 27.21 -11.58
N GLU C 377 -2.23 27.67 -11.55
CA GLU C 377 -2.71 28.44 -10.41
C GLU C 377 -3.12 27.51 -9.29
N LEU C 378 -2.97 27.98 -8.06
CA LEU C 378 -3.45 27.27 -6.90
C LEU C 378 -4.87 27.74 -6.56
N ALA C 379 -5.61 26.88 -5.88
CA ALA C 379 -6.98 27.23 -5.53
C ALA C 379 -6.98 28.47 -4.63
N PRO C 380 -7.93 29.39 -4.80
CA PRO C 380 -7.98 30.55 -3.91
C PRO C 380 -8.23 30.12 -2.47
N ASN C 381 -7.76 30.95 -1.54
CA ASN C 381 -7.85 30.62 -0.13
C ASN C 381 -8.12 31.88 0.71
N ASP C 382 -8.87 32.82 0.17
CA ASP C 382 -9.22 34.04 0.88
C ASP C 382 -10.12 33.72 2.07
MG MG D . 2.88 -13.31 12.55
PA 2KH E . 1.12 -15.45 14.35
O1A 2KH E . -0.09 -15.16 15.25
O2A 2KH E . 1.81 -14.15 14.02
N3A 2KH E . 0.59 -16.22 12.91
O5' 2KH E . 2.20 -16.45 15.14
PB 2KH E . 1.53 -16.11 11.49
O1B 2KH E . 2.74 -15.22 11.76
O2B 2KH E . 1.97 -17.44 11.07
O3B 2KH E . 0.63 -15.41 10.31
PG 2KH E . 0.23 -13.80 10.29
O1G 2KH E . 0.41 -13.29 8.89
O2G 2KH E . -1.19 -13.61 10.73
O3G 2KH E . 1.16 -13.05 11.25
C5' 2KH E . 3.54 -16.46 14.63
C4' 2KH E . 4.17 -17.90 14.70
O4' 2KH E . 4.22 -18.40 16.18
C1' 2KH E . 4.09 -19.91 16.06
C2' 2KH E . 3.99 -20.16 14.77
O2' 2KH E . 5.31 -20.49 14.21
C3' 2KH E . 3.45 -18.79 14.11
O3' 2KH E . 3.70 -18.81 12.65
N1 2KH E . 2.83 -20.35 16.76
C6 2KH E . 1.69 -19.46 16.84
C2 2KH E . 2.77 -21.71 17.38
O2 2KH E . 3.70 -22.41 17.31
N3 2KH E . 1.53 -22.16 18.07
C4 2KH E . 0.37 -21.27 18.16
O4 2KH E . -0.60 -21.63 18.72
C5 2KH E . 0.44 -19.90 17.54
H2 2KH E . -0.17 -16.61 12.88
H6 2KH E . 4.09 -15.85 15.17
H7 2KH E . 3.54 -16.15 13.72
H8 2KH E . 5.06 -17.89 14.32
H9 2KH E . 4.87 -20.34 16.43
H10 2KH E . 3.35 -20.87 14.61
H11 2KH E . 5.24 -21.18 13.72
H12 2KH E . 2.51 -18.65 14.31
H13 2KH E . 3.44 -19.56 12.34
H14 2KH E . 1.72 -18.62 16.45
H15 2KH E . 1.50 -22.94 18.44
H16 2KH E . -0.29 -19.34 17.59
O2A UPU F . 5.38 -17.48 19.19
C2A UPU F . 4.26 -17.77 19.57
N3A UPU F . 3.87 -19.19 19.78
C4A UPU F . 2.52 -19.53 20.24
O4A UPU F . 2.22 -20.65 20.40
C5A UPU F . 1.53 -18.43 20.51
C6A UPU F . 1.92 -17.01 20.30
N1A UPU F . 3.28 -16.68 19.84
C1'A UPU F . 3.68 -15.32 19.63
O4'A UPU F . 2.73 -14.35 20.50
C2'A UPU F . 3.53 -14.98 18.37
O2'A UPU F . 4.69 -14.17 17.92
C3'A UPU F . 2.25 -14.13 18.30
O3'A UPU F . 2.34 -13.20 17.30
C4'A UPU F . 2.24 -13.46 19.68
C5'A UPU F . 0.76 -13.15 20.10
O5'A UPU F . 0.07 -14.39 20.05
P UPU F . -1.61 -14.36 19.92
O1 UPU F . -2.02 -13.45 18.81
O2 UPU F . -2.08 -15.73 19.67
O3'B UPU F . -2.20 -13.79 21.36
C3'B UPU F . -1.79 -14.47 22.65
C4'B UPU F . -3.06 -15.19 23.25
C5'B UPU F . -2.73 -16.14 24.22
O5'B UPU F . -2.40 -17.39 23.56
O4'B UPU F . -3.85 -14.05 23.85
C2'B UPU F . -1.55 -13.63 23.51
O2'B UPU F . -0.65 -12.56 23.00
C1'B UPU F . -3.07 -13.03 23.82
N1B UPU F . -3.10 -12.34 25.09
C2B UPU F . -3.35 -10.86 25.11
O2B UPU F . -3.50 -10.27 24.06
C6B UPU F . -2.92 -13.07 26.35
C5B UPU F . -2.97 -12.33 27.65
C4B UPU F . -3.21 -10.84 27.67
N3B UPU F . -3.40 -10.12 26.39
O4B UPU F . -3.24 -10.24 28.69
HN3A UPU F . 4.44 -19.83 19.63
H5A UPU F . 0.68 -18.64 20.80
H6A UPU F . 1.31 -16.33 20.46
H1'A UPU F . 4.60 -15.19 19.90
H2AC UPU F . 3.44 -15.79 17.82
H2AO UPU F . 4.88 -14.35 17.11
H3AC UPU F . 1.48 -14.69 18.18
H3AO UPU F . 1.84 -13.43 16.66
H4'A UPU F . 2.78 -12.66 19.68
H'A1 UPU F . 0.35 -12.51 19.50
H'A2 UPU F . 0.75 -12.82 21.02
H3BC UPU F . -1.06 -15.07 22.53
H4'B UPU F . -3.58 -15.60 22.54
H'B1 UPU F . -1.97 -15.85 24.74
H'B2 UPU F . -3.49 -16.29 24.81
H5'B UPU F . -2.79 -18.04 23.95
H2BC UPU F . -1.18 -14.05 24.30
H2BO UPU F . 0.01 -12.48 23.52
H1'B UPU F . -3.34 -12.44 23.11
H6B UPU F . -2.77 -13.99 26.34
H5B UPU F . -2.85 -12.80 28.46
HN3B UPU F . -3.53 -9.27 26.40
ZN ZN G . -8.29 -5.10 28.23
I IOD H . -16.49 -15.98 22.97
S SO4 I . 5.17 10.66 19.66
O1 SO4 I . 4.74 9.37 20.19
O2 SO4 I . 4.04 11.34 19.03
O3 SO4 I . 5.67 11.48 20.76
O4 SO4 I . 6.22 10.47 18.68
MG MG J . 15.42 10.92 -3.31
PA 2KH K . 18.87 10.78 -3.56
O1A 2KH K . 17.56 10.99 -2.84
O2A 2KH K . 19.87 10.02 -2.69
N3A 2KH K . 18.62 9.85 -5.00
O5' 2KH K . 19.46 12.28 -4.00
PB 2KH K . 17.19 10.01 -5.86
O1B 2KH K . 17.47 10.50 -7.23
O2B 2KH K . 16.25 10.96 -5.15
O3B 2KH K . 16.51 8.50 -5.94
PG 2KH K . 15.76 7.78 -4.66
O1G 2KH K . 16.60 6.63 -4.18
O2G 2KH K . 14.40 7.28 -5.14
O3G 2KH K . 15.55 8.77 -3.53
C5' 2KH K . 18.48 13.21 -4.47
C4' 2KH K . 19.06 14.07 -5.65
O4' 2KH K . 20.31 14.86 -5.15
C1' 2KH K . 21.14 15.03 -6.40
C2' 2KH K . 20.47 14.43 -7.36
O2' 2KH K . 19.63 15.44 -8.04
C3' 2KH K . 19.53 13.36 -6.61
O3' 2KH K . 18.47 12.87 -7.52
N1 2KH K . 22.49 14.38 -6.20
C6 2KH K . 22.65 13.27 -5.29
C2 2KH K . 23.65 14.90 -6.98
O2 2KH K . 23.49 15.79 -7.70
N3 2KH K . 25.00 14.28 -6.81
C4 2KH K . 25.18 13.16 -5.90
O4 2KH K . 26.24 12.67 -5.77
C5 2KH K . 24.00 12.64 -5.12
H2 2KH K . 19.20 9.26 -5.22
H6 2KH K . 17.69 12.73 -4.77
H7 2KH K . 18.22 13.80 -3.73
H8 2KH K . 18.38 14.68 -5.99
H9 2KH K . 21.25 15.98 -6.60
H10 2KH K . 21.07 14.00 -7.99
H11 2KH K . 19.87 15.52 -8.84
H12 2KH K . 20.06 12.62 -6.27
H13 2KH K . 18.82 12.59 -8.24
H14 2KH K . 21.93 12.94 -4.81
H15 2KH K . 25.67 14.59 -7.26
H16 2KH K . 24.11 11.93 -4.54
O2A UPU L . 21.17 17.27 -2.70
C2A UPU L . 22.08 16.47 -2.62
N3A UPU L . 23.24 16.56 -3.58
C4A UPU L . 24.33 15.59 -3.48
O4A UPU L . 25.24 15.67 -4.23
C5A UPU L . 24.30 14.54 -2.42
C6A UPU L . 23.14 14.46 -1.47
N1A UPU L . 22.04 15.42 -1.58
C1'A UPU L . 20.92 15.38 -0.67
O4'A UPU L . 21.39 14.83 0.77
C2'A UPU L . 19.98 14.58 -1.10
O2'A UPU L . 18.65 15.17 -0.78
C3'A UPU L . 20.17 13.27 -0.34
O3'A UPU L . 18.98 12.62 -0.18
C4'A UPU L . 20.70 13.75 1.03
C5'A UPU L . 21.65 12.68 1.66
O5'A UPU L . 22.52 12.24 0.62
P UPU L . 23.32 10.77 0.82
O1 UPU L . 22.32 9.68 1.09
O2 UPU L . 24.09 10.46 -0.41
O3'B UPU L . 24.31 10.92 2.14
C3'B UPU L . 25.42 11.94 2.15
C4'B UPU L . 26.78 11.15 2.03
C5'B UPU L . 27.84 11.99 1.66
O5'B UPU L . 28.17 11.71 0.29
O4'B UPU L . 26.97 10.63 3.44
C2'B UPU L . 25.51 12.47 3.25
O2'B UPU L . 24.20 12.93 3.76
C1'B UPU L . 26.11 11.24 4.18
N1B UPU L . 26.77 11.74 5.37
C2B UPU L . 26.19 11.45 6.72
O2B UPU L . 25.16 10.80 6.82
C6B UPU L . 28.01 12.52 5.24
C5B UPU L . 28.69 13.04 6.47
C4B UPU L . 28.10 12.75 7.83
N3B UPU L . 26.86 11.96 7.95
O4B UPU L . 28.64 13.17 8.81
HN3A UPU L . 23.25 17.17 -4.18
H5A UPU L . 24.99 13.93 -2.36
H6A UPU L . 23.13 13.80 -0.82
H1'A UPU L . 20.55 16.27 -0.57
H2AC UPU L . 20.07 14.43 -2.06
H2AO UPU L . 18.12 15.06 -1.45
H3AC UPU L . 20.81 12.70 -0.77
H3AO UPU L . 18.89 12.06 -0.81
H4'A UPU L . 19.96 13.96 1.63
H'A1 UPU L . 22.17 13.07 2.37
H'A2 UPU L . 21.13 11.92 2.00
H3BC UPU L . 25.32 12.60 1.44
H4'B UPU L . 26.69 10.42 1.41
H'B1 UPU L . 27.58 12.92 1.76
H'B2 UPU L . 28.62 11.81 2.22
H5'B UPU L . 28.97 11.97 0.13
H2BC UPU L . 26.15 13.20 3.21
H2BO UPU L . 24.29 13.71 4.10
H1'B UPU L . 25.40 10.62 4.42
H6B UPU L . 28.37 12.69 4.41
H5B UPU L . 29.47 13.52 6.39
HN3B UPU L . 26.52 11.80 8.72
ZN ZN M . 27.93 8.75 13.74
I IOD N . 33.71 -0.06 3.23
MG MG O . -15.05 10.64 4.21
PA 2KH P . -16.56 13.55 3.68
O1A 2KH P . -15.58 12.63 4.38
O2A 2KH P . -16.02 14.99 3.65
N3A 2KH P . -16.84 13.04 2.06
O5' 2KH P . -18.01 13.54 4.51
PB 2KH P . -16.98 11.39 1.66
O1B 2KH P . -16.80 10.54 2.91
O2B 2KH P . -18.30 11.14 1.04
O3B 2KH P . -15.83 11.03 0.55
PG 2KH P . -14.22 11.05 0.91
O1G 2KH P . -14.02 11.06 2.43
O2G 2KH P . -13.61 9.80 0.30
O3G 2KH P . -13.58 12.29 0.33
C5' 2KH P . -18.43 12.29 5.08
C4' 2KH P . -19.98 12.15 4.91
O4' 2KH P . -20.70 13.26 5.74
C1' 2KH P . -22.01 13.45 4.99
C2' 2KH P . -21.96 12.65 3.95
O2' 2KH P . -22.65 11.38 4.23
C3' 2KH P . -20.39 12.38 3.71
O3' 2KH P . -20.21 11.21 2.82
N1 2KH P . -22.13 14.88 4.52
C6 2KH P . -20.93 15.62 4.17
C2 2KH P . -23.47 15.51 4.42
O2 2KH P . -24.43 14.90 4.71
N3 2KH P . -23.59 16.92 3.95
C4 2KH P . -22.40 17.67 3.59
O4 2KH P . -22.49 18.80 3.21
C5 2KH P . -21.04 17.04 3.70
H2 2KH P . -16.90 13.62 1.43
H6 2KH P . -17.99 11.56 4.62
H7 2KH P . -18.20 12.28 6.02
H8 2KH P . -20.28 11.27 5.20
H9 2KH P . -22.76 13.21 5.56
H10 2KH P . -22.34 13.09 3.17
H11 2KH P . -23.24 11.24 3.64
H12 2KH P . -19.95 13.16 3.35
H13 2KH P . -20.69 11.30 2.12
H14 2KH P . -20.09 15.21 4.23
H15 2KH P . -24.36 17.29 3.89
H16 2KH P . -20.28 17.51 3.46
O2A UPU Q . -20.86 14.44 8.97
C2A UPU Q . -20.71 15.49 8.39
N3A UPU Q . -21.89 16.15 7.75
C4A UPU Q . -21.71 17.41 7.04
O4A UPU Q . -22.64 17.94 6.54
C5A UPU Q . -20.35 18.04 6.95
C6A UPU Q . -19.18 17.37 7.59
N1A UPU Q . -19.37 16.10 8.30
C1'A UPU Q . -18.26 15.43 8.92
O4'A UPU Q . -17.15 16.53 9.30
C2'A UPU Q . -17.70 14.59 8.08
O2'A UPU Q . -17.19 13.40 8.84
C3'A UPU Q . -16.53 15.36 7.47
O3'A UPU Q . -15.54 14.53 7.08
C4'A UPU Q . -16.06 16.24 8.64
C5'A UPU Q . -15.41 17.57 8.10
O5'A UPU Q . -16.21 18.02 7.00
P UPU Q . -15.58 19.28 6.08
O1 UPU Q . -14.42 18.79 5.27
O2 UPU Q . -16.64 19.81 5.18
O3'B UPU Q . -15.07 20.45 7.14
C3'B UPU Q . -16.08 21.40 7.72
C4'B UPU Q . -16.09 22.72 6.83
C5'B UPU Q . -17.38 23.26 6.76
O5'B UPU Q . -17.77 23.73 8.07
O4'B UPU Q . -15.15 23.67 7.54
C2'B UPU Q . -15.70 21.79 8.82
O2'B UPU Q . -15.07 20.70 9.60
C1'B UPU Q . -14.58 22.96 8.44
N1B UPU Q . -14.25 23.77 9.59
C2B UPU Q . -12.89 23.64 10.23
O2B UPU Q . -12.09 22.84 9.79
C6B UPU Q . -15.21 24.74 10.12
C5B UPU Q . -14.87 25.58 11.30
C4B UPU Q . -13.50 25.44 11.95
N3B UPU Q . -12.54 24.47 11.41
O4B UPU Q . -13.22 26.11 12.89
HN3A UPU Q . -22.67 15.80 7.79
H5A UPU Q . -20.24 18.85 6.50
H6A UPU Q . -18.34 17.75 7.53
H1'A UPU Q . -18.55 14.97 9.71
H2AC UPU Q . -18.33 14.32 7.40
H2AO UPU Q . -17.29 12.70 8.36
H3AC UPU Q . -16.84 15.91 6.73
H3AO UPU Q . -15.69 14.25 6.28
H4'A UPU Q . -15.44 15.75 9.20
H'A1 UPU Q . -15.40 18.23 8.79
H'A2 UPU Q . -14.50 17.39 7.79
H3BC UPU Q . -16.96 21.01 7.78
H4'B UPU Q . -15.77 22.53 5.94
H'B1 UPU Q . -18.00 22.58 6.46
H'B2 UPU Q . -17.40 24.00 6.13
H5'B UPU Q . -18.45 24.23 8.00
H2BC UPU Q . -16.44 22.19 9.31
H2BO UPU Q . -15.30 20.77 10.41
H1'B UPU Q . -13.79 22.54 8.07
H6B UPU Q . -16.05 24.82 9.72
H5B UPU Q . -15.48 26.19 11.64
HN3B UPU Q . -11.76 24.39 11.78
I IOD R . -11.85 31.70 -1.37
#